data_8XEE
#
_entry.id   8XEE
#
_cell.length_a   194.107
_cell.length_b   194.107
_cell.length_c   49.763
_cell.angle_alpha   90.00
_cell.angle_beta   90.00
_cell.angle_gamma   120.00
#
_symmetry.space_group_name_H-M   'P 31'
#
loop_
_entity.id
_entity.type
_entity.pdbx_description
1 polymer 'DNA (cytosine-5)-methyltransferase 3B'
2 polymer 'DNA (cytosine-5)-methyltransferase 3-like'
3 non-polymer S-ADENOSYL-L-HOMOCYSTEINE
#
loop_
_entity_poly.entity_id
_entity_poly.type
_entity_poly.pdbx_seq_one_letter_code
_entity_poly.pdbx_strand_id
1 'polypeptide(L)'
;MRRRPIRVLSLFDGIATGYLVLKELGIKVGKYVASEVCEESIAVGTVKHEGNIKYVNDVRNITKKNIEEWGPFDLVIGGS
PCNDLSNVNPARKGLYEGTGRLFFEFYHLLNYSRPKEGDDRPFFWMFENVVAMKVGDKRDISRFLECNPVMIDAIKVSAA
HRARYFWGNLPGMNRPVIASKNDKLELQDCLEYNRIAKLKKVQTITTKSNSIKQGKNQLFPVVMNGKEDVLWCTELERIF
GFPVHYTDVSNMGGGARQKLLGRSWSVPVIRHLFAPLKDYFACE
;
A,D
2 'polypeptide(L)'
;GHMFETVPVWRRQPVRVLSLFEDIKKELTSLGFLESGSDPGQLKHVVDVTDTVRKDVEEWGPFDLVYGATPPLGHTCDRP
PSWYLFQFHRLLQYARPKPGSPRPFFWMFVDNLVLNKEDLDVASRFLEMEPVTIPDVHGGSLQNAVRVWSNIPAIRSRHW
ALVSEEELSLLAQNKQSSKLAAKWPTKLVKNCFLPLREYFKYFS
;
B,C
#
loop_
_chem_comp.id
_chem_comp.type
_chem_comp.name
_chem_comp.formula
SAH non-polymer S-ADENOSYL-L-HOMOCYSTEINE 'C14 H20 N6 O5 S'
#
# COMPACT_ATOMS: atom_id res chain seq x y z
N MET A 1 9.86 -38.58 -25.48
CA MET A 1 9.45 -37.87 -26.67
C MET A 1 8.46 -36.75 -26.33
N ARG A 2 7.48 -37.07 -25.48
CA ARG A 2 6.51 -36.09 -25.01
C ARG A 2 7.05 -35.36 -23.80
N ARG A 3 6.93 -34.03 -23.81
CA ARG A 3 7.53 -33.20 -22.78
C ARG A 3 6.75 -33.31 -21.47
N ARG A 4 7.38 -32.82 -20.40
CA ARG A 4 6.83 -32.84 -19.05
C ARG A 4 6.89 -31.44 -18.48
N PRO A 5 6.20 -31.18 -17.36
CA PRO A 5 6.29 -29.86 -16.75
C PRO A 5 7.70 -29.53 -16.30
N ILE A 6 8.02 -28.24 -16.32
CA ILE A 6 9.37 -27.78 -15.99
C ILE A 6 9.54 -27.73 -14.48
N ARG A 7 10.76 -28.04 -14.03
CA ARG A 7 11.13 -28.00 -12.62
C ARG A 7 12.22 -26.95 -12.44
N VAL A 8 11.96 -25.98 -11.58
CA VAL A 8 12.77 -24.77 -11.50
C VAL A 8 13.33 -24.62 -10.10
N LEU A 9 14.61 -24.24 -10.02
CA LEU A 9 15.25 -23.81 -8.80
C LEU A 9 15.63 -22.34 -8.97
N SER A 10 15.01 -21.47 -8.18
CA SER A 10 15.20 -20.03 -8.28
C SER A 10 15.94 -19.55 -7.04
N LEU A 11 17.16 -19.05 -7.23
CA LEU A 11 17.97 -18.53 -6.14
C LEU A 11 17.93 -17.01 -6.16
N PHE A 12 17.67 -16.43 -4.98
CA PHE A 12 17.35 -15.01 -4.82
C PHE A 12 16.11 -14.68 -5.65
N ASP A 13 15.02 -15.37 -5.30
CA ASP A 13 13.81 -15.39 -6.11
C ASP A 13 13.09 -14.04 -6.12
N GLY A 14 13.21 -13.27 -5.04
CA GLY A 14 12.53 -11.99 -4.99
C GLY A 14 11.02 -12.18 -4.93
N ILE A 15 10.30 -11.45 -5.78
CA ILE A 15 8.85 -11.52 -5.80
C ILE A 15 8.38 -12.53 -6.84
N ALA A 16 9.20 -13.55 -7.09
CA ALA A 16 8.83 -14.68 -7.93
C ALA A 16 8.55 -14.27 -9.37
N THR A 17 9.42 -13.41 -9.92
CA THR A 17 9.28 -12.99 -11.31
C THR A 17 9.41 -14.18 -12.25
N GLY A 18 10.29 -15.12 -11.93
CA GLY A 18 10.48 -16.28 -12.80
C GLY A 18 9.24 -17.13 -12.92
N TYR A 19 8.62 -17.45 -11.77
CA TYR A 19 7.39 -18.23 -11.80
C TYR A 19 6.28 -17.50 -12.56
N LEU A 20 6.15 -16.20 -12.34
CA LEU A 20 5.14 -15.42 -13.04
C LEU A 20 5.36 -15.46 -14.54
N VAL A 21 6.62 -15.34 -14.99
CA VAL A 21 6.92 -15.37 -16.41
C VAL A 21 6.60 -16.75 -16.99
N LEU A 22 7.02 -17.82 -16.30
CA LEU A 22 6.76 -19.17 -16.79
C LEU A 22 5.27 -19.44 -16.88
N LYS A 23 4.49 -18.93 -15.93
CA LYS A 23 3.05 -19.14 -15.98
C LYS A 23 2.41 -18.31 -17.09
N GLU A 24 2.88 -17.08 -17.29
CA GLU A 24 2.32 -16.24 -18.34
C GLU A 24 2.65 -16.77 -19.73
N LEU A 25 3.76 -17.50 -19.87
CA LEU A 25 4.09 -18.13 -21.14
C LEU A 25 3.25 -19.37 -21.43
N GLY A 26 2.50 -19.86 -20.46
CA GLY A 26 1.72 -21.07 -20.63
C GLY A 26 2.45 -22.35 -20.34
N ILE A 27 3.68 -22.27 -19.83
CA ILE A 27 4.46 -23.46 -19.51
C ILE A 27 3.95 -24.08 -18.22
N LYS A 28 3.71 -25.40 -18.25
CA LYS A 28 3.30 -26.10 -17.05
C LYS A 28 4.49 -26.21 -16.10
N VAL A 29 4.27 -25.83 -14.83
CA VAL A 29 5.31 -25.81 -13.82
C VAL A 29 5.02 -26.94 -12.84
N GLY A 30 5.90 -27.94 -12.80
CA GLY A 30 5.74 -29.05 -11.90
C GLY A 30 6.28 -28.79 -10.52
N LYS A 31 7.37 -28.03 -10.43
CA LYS A 31 7.96 -27.67 -9.15
C LYS A 31 8.73 -26.37 -9.30
N TYR A 32 8.65 -25.53 -8.25
CA TYR A 32 9.35 -24.25 -8.22
C TYR A 32 9.91 -24.06 -6.82
N VAL A 33 11.20 -24.38 -6.64
CA VAL A 33 11.87 -24.25 -5.36
C VAL A 33 12.56 -22.89 -5.34
N ALA A 34 12.18 -22.04 -4.38
CA ALA A 34 12.66 -20.67 -4.30
C ALA A 34 13.43 -20.46 -3.02
N SER A 35 14.64 -19.91 -3.13
CA SER A 35 15.44 -19.51 -1.98
C SER A 35 15.35 -18.00 -1.84
N GLU A 36 14.85 -17.54 -0.69
CA GLU A 36 14.62 -16.12 -0.46
C GLU A 36 14.47 -15.89 1.03
N VAL A 37 15.00 -14.77 1.51
CA VAL A 37 15.02 -14.47 2.94
C VAL A 37 14.15 -13.28 3.33
N CYS A 38 13.71 -12.47 2.37
CA CYS A 38 12.89 -11.31 2.69
C CYS A 38 11.44 -11.74 2.90
N GLU A 39 10.90 -11.50 4.10
CA GLU A 39 9.56 -11.96 4.42
C GLU A 39 8.51 -11.31 3.54
N GLU A 40 8.71 -10.05 3.17
CA GLU A 40 7.74 -9.37 2.31
C GLU A 40 7.69 -10.00 0.92
N SER A 41 8.86 -10.31 0.35
CA SER A 41 8.90 -10.96 -0.96
C SER A 41 8.29 -12.35 -0.90
N ILE A 42 8.59 -13.10 0.16
CA ILE A 42 8.01 -14.43 0.32
C ILE A 42 6.50 -14.35 0.44
N ALA A 43 6.00 -13.33 1.16
CA ALA A 43 4.56 -13.13 1.28
C ALA A 43 3.95 -12.83 -0.08
N VAL A 44 4.58 -11.94 -0.85
CA VAL A 44 4.09 -11.62 -2.18
C VAL A 44 3.98 -12.86 -3.04
N GLY A 45 5.06 -13.65 -3.09
CA GLY A 45 5.04 -14.86 -3.89
C GLY A 45 3.98 -15.86 -3.43
N THR A 46 3.89 -16.06 -2.11
CA THR A 46 2.95 -17.02 -1.56
C THR A 46 1.51 -16.64 -1.90
N VAL A 47 1.15 -15.38 -1.68
CA VAL A 47 -0.22 -14.96 -1.92
C VAL A 47 -0.53 -14.96 -3.41
N LYS A 48 0.35 -14.38 -4.22
CA LYS A 48 0.04 -14.24 -5.64
C LYS A 48 0.09 -15.57 -6.38
N HIS A 49 0.74 -16.59 -5.83
CA HIS A 49 0.81 -17.89 -6.48
C HIS A 49 0.20 -19.01 -5.65
N GLU A 50 -0.49 -18.68 -4.57
CA GLU A 50 -1.37 -19.62 -3.85
C GLU A 50 -0.60 -20.85 -3.38
N GLY A 51 0.64 -20.66 -2.95
CA GLY A 51 1.42 -21.72 -2.37
C GLY A 51 2.03 -22.70 -3.35
N ASN A 52 1.96 -22.42 -4.65
CA ASN A 52 2.60 -23.28 -5.64
C ASN A 52 4.13 -23.23 -5.57
N ILE A 53 4.69 -22.33 -4.77
CA ILE A 53 6.13 -22.12 -4.68
C ILE A 53 6.61 -22.74 -3.38
N LYS A 54 7.39 -23.82 -3.49
CA LYS A 54 8.02 -24.42 -2.31
C LYS A 54 9.15 -23.50 -1.87
N TYR A 55 8.92 -22.74 -0.80
CA TYR A 55 9.90 -21.78 -0.31
C TYR A 55 10.89 -22.47 0.62
N VAL A 56 12.17 -22.43 0.25
CA VAL A 56 13.24 -22.70 1.18
C VAL A 56 13.82 -21.36 1.62
N ASN A 57 14.69 -21.39 2.61
CA ASN A 57 15.13 -20.12 3.20
C ASN A 57 16.48 -19.69 2.64
N ASP A 58 17.47 -19.51 3.52
CA ASP A 58 18.76 -18.99 3.08
C ASP A 58 19.42 -19.94 2.10
N VAL A 59 20.01 -19.36 1.05
CA VAL A 59 20.63 -20.17 -0.01
C VAL A 59 21.82 -20.94 0.54
N ARG A 60 22.47 -20.42 1.58
CA ARG A 60 23.65 -21.07 2.14
C ARG A 60 23.31 -22.24 3.05
N ASN A 61 22.04 -22.48 3.33
CA ASN A 61 21.60 -23.66 4.07
C ASN A 61 21.12 -24.78 3.16
N ILE A 62 21.20 -24.59 1.85
CA ILE A 62 20.83 -25.63 0.90
C ILE A 62 22.01 -26.60 0.75
N THR A 63 21.76 -27.87 1.00
CA THR A 63 22.79 -28.89 0.98
C THR A 63 22.80 -29.64 -0.35
N LYS A 64 23.88 -30.38 -0.58
CA LYS A 64 23.96 -31.25 -1.76
C LYS A 64 22.83 -32.27 -1.75
N LYS A 65 22.54 -32.86 -0.60
CA LYS A 65 21.42 -33.78 -0.50
C LYS A 65 20.10 -33.06 -0.72
N ASN A 66 20.01 -31.78 -0.37
CA ASN A 66 18.80 -31.01 -0.69
C ASN A 66 18.61 -30.91 -2.19
N ILE A 67 19.69 -30.63 -2.94
CA ILE A 67 19.59 -30.57 -4.40
C ILE A 67 19.24 -31.94 -4.96
N GLU A 68 19.73 -33.02 -4.34
CA GLU A 68 19.39 -34.35 -4.83
C GLU A 68 17.93 -34.69 -4.57
N GLU A 69 17.41 -34.32 -3.40
CA GLU A 69 16.04 -34.69 -3.01
C GLU A 69 15.00 -33.82 -3.71
N TRP A 70 15.18 -32.49 -3.66
CA TRP A 70 14.23 -31.59 -4.30
C TRP A 70 14.29 -31.73 -5.82
N GLY A 71 15.43 -32.15 -6.36
CA GLY A 71 15.58 -32.31 -7.78
C GLY A 71 14.84 -33.52 -8.32
N PRO A 72 15.04 -33.84 -9.60
CA PRO A 72 15.95 -33.13 -10.51
C PRO A 72 15.37 -31.79 -10.97
N PHE A 73 16.24 -30.90 -11.43
CA PHE A 73 15.84 -29.57 -11.87
C PHE A 73 16.09 -29.41 -13.36
N ASP A 74 15.13 -28.83 -14.05
CA ASP A 74 15.27 -28.52 -15.47
C ASP A 74 15.78 -27.11 -15.70
N LEU A 75 15.44 -26.17 -14.82
CA LEU A 75 15.85 -24.78 -14.93
C LEU A 75 16.44 -24.32 -13.62
N VAL A 76 17.56 -23.60 -13.70
CA VAL A 76 18.23 -23.05 -12.52
C VAL A 76 18.46 -21.57 -12.79
N ILE A 77 17.65 -20.71 -12.17
CA ILE A 77 17.77 -19.27 -12.38
C ILE A 77 18.23 -18.62 -11.09
N GLY A 78 18.93 -17.50 -11.24
CA GLY A 78 19.46 -16.78 -10.09
C GLY A 78 19.63 -15.28 -10.29
N GLY A 79 19.42 -14.53 -9.22
CA GLY A 79 19.57 -13.08 -9.30
C GLY A 79 20.23 -12.47 -8.08
N SER A 80 21.56 -12.42 -8.07
CA SER A 80 22.28 -12.07 -6.86
C SER A 80 22.00 -10.63 -6.42
N PRO A 81 22.12 -10.35 -5.13
CA PRO A 81 21.99 -8.97 -4.66
C PRO A 81 23.05 -8.07 -5.27
N CYS A 82 22.66 -6.84 -5.58
CA CYS A 82 23.51 -5.91 -6.32
C CYS A 82 23.84 -4.65 -5.51
N ASN A 83 23.64 -4.68 -4.20
CA ASN A 83 23.97 -3.51 -3.37
C ASN A 83 25.46 -3.40 -3.09
N ASP A 84 26.22 -4.49 -3.25
CA ASP A 84 27.67 -4.46 -3.10
C ASP A 84 28.41 -4.68 -4.41
N LEU A 85 27.69 -4.86 -5.53
CA LEU A 85 28.32 -5.03 -6.83
C LEU A 85 28.07 -3.82 -7.72
N PRO A 90 28.79 3.69 -2.35
CA PRO A 90 30.21 4.02 -2.20
C PRO A 90 30.94 3.02 -1.33
N ALA A 91 30.30 2.54 -0.26
CA ALA A 91 30.87 1.51 0.61
C ALA A 91 30.78 0.12 0.00
N ARG A 92 30.97 0.01 -1.31
CA ARG A 92 30.84 -1.27 -1.98
C ARG A 92 31.96 -2.22 -1.54
N LYS A 93 31.58 -3.45 -1.22
CA LYS A 93 32.53 -4.48 -0.79
C LYS A 93 32.80 -5.49 -1.90
N GLY A 94 32.42 -5.20 -3.14
CA GLY A 94 32.79 -6.00 -4.28
C GLY A 94 32.12 -7.37 -4.34
N LEU A 95 32.75 -8.25 -5.11
CA LEU A 95 32.23 -9.59 -5.35
C LEU A 95 32.65 -10.59 -4.28
N TYR A 96 33.68 -10.28 -3.48
CA TYR A 96 34.23 -11.24 -2.54
C TYR A 96 33.93 -10.92 -1.08
N GLU A 97 33.38 -9.75 -0.78
CA GLU A 97 32.95 -9.40 0.56
C GLU A 97 31.53 -8.85 0.51
N GLY A 98 30.86 -8.92 1.66
CA GLY A 98 29.47 -8.47 1.72
C GLY A 98 28.52 -9.49 1.13
N THR A 99 27.55 -9.03 0.35
CA THR A 99 26.57 -9.91 -0.26
C THR A 99 26.95 -10.37 -1.67
N GLY A 100 27.92 -9.71 -2.30
CA GLY A 100 28.38 -10.16 -3.60
C GLY A 100 28.90 -11.59 -3.58
N ARG A 101 29.53 -11.99 -2.49
CA ARG A 101 30.01 -13.36 -2.34
C ARG A 101 28.89 -14.37 -2.31
N LEU A 102 27.62 -13.94 -2.31
CA LEU A 102 26.51 -14.87 -2.47
C LEU A 102 26.49 -15.45 -3.88
N PHE A 103 27.03 -14.74 -4.86
CA PHE A 103 27.04 -15.23 -6.24
C PHE A 103 27.58 -16.64 -6.33
N PHE A 104 28.73 -16.90 -5.70
CA PHE A 104 29.35 -18.21 -5.78
C PHE A 104 28.38 -19.30 -5.30
N GLU A 105 27.59 -19.01 -4.28
CA GLU A 105 26.58 -19.96 -3.82
C GLU A 105 25.74 -20.44 -5.00
N PHE A 106 25.17 -19.51 -5.76
CA PHE A 106 24.51 -19.85 -7.02
C PHE A 106 25.37 -20.81 -7.83
N TYR A 107 26.56 -20.35 -8.22
CA TYR A 107 27.52 -21.20 -8.93
C TYR A 107 27.59 -22.57 -8.28
N HIS A 108 27.87 -22.60 -6.97
CA HIS A 108 27.91 -23.85 -6.23
C HIS A 108 26.69 -24.69 -6.52
N LEU A 109 25.51 -24.18 -6.15
CA LEU A 109 24.29 -24.95 -6.34
C LEU A 109 24.06 -25.29 -7.80
N LEU A 110 24.48 -24.41 -8.71
CA LEU A 110 24.32 -24.70 -10.13
C LEU A 110 25.02 -26.01 -10.48
N ASN A 111 26.27 -26.15 -10.05
CA ASN A 111 27.00 -27.37 -10.35
C ASN A 111 26.45 -28.57 -9.59
N TYR A 112 25.69 -28.33 -8.53
CA TYR A 112 24.99 -29.44 -7.88
C TYR A 112 23.79 -29.90 -8.69
N SER A 113 23.17 -28.99 -9.44
CA SER A 113 21.96 -29.31 -10.19
C SER A 113 22.26 -29.75 -11.62
N ARG A 114 23.48 -29.57 -12.09
CA ARG A 114 23.82 -29.99 -13.45
C ARG A 114 23.75 -31.50 -13.57
N PRO A 115 23.15 -32.04 -14.63
CA PRO A 115 23.19 -33.49 -14.84
C PRO A 115 24.59 -33.95 -15.21
N LYS A 116 24.85 -35.23 -14.94
CA LYS A 116 26.17 -35.79 -15.17
C LYS A 116 26.45 -35.92 -16.67
N GLU A 117 27.67 -36.35 -16.99
CA GLU A 117 28.00 -36.65 -18.37
C GLU A 117 27.18 -37.83 -18.86
N GLY A 118 26.76 -37.77 -20.14
CA GLY A 118 25.88 -38.75 -20.72
C GLY A 118 24.41 -38.51 -20.42
N ASP A 119 24.09 -37.81 -19.34
CA ASP A 119 22.72 -37.41 -19.02
C ASP A 119 22.35 -36.21 -19.88
N ASP A 120 22.13 -36.48 -21.17
CA ASP A 120 21.84 -35.43 -22.14
C ASP A 120 20.41 -34.90 -22.04
N ARG A 121 19.76 -35.02 -20.88
CA ARG A 121 18.46 -34.43 -20.69
C ARG A 121 18.55 -32.91 -20.75
N PRO A 122 17.46 -32.23 -21.12
CA PRO A 122 17.53 -30.76 -21.23
C PRO A 122 17.71 -30.12 -19.87
N PHE A 123 18.63 -29.16 -19.79
CA PHE A 123 18.92 -28.45 -18.54
C PHE A 123 19.36 -27.04 -18.90
N PHE A 124 18.63 -26.05 -18.39
CA PHE A 124 18.90 -24.65 -18.69
C PHE A 124 19.15 -23.88 -17.40
N TRP A 125 19.96 -22.83 -17.51
CA TRP A 125 20.32 -22.02 -16.36
C TRP A 125 20.48 -20.58 -16.79
N MET A 126 20.36 -19.67 -15.84
CA MET A 126 20.48 -18.25 -16.10
C MET A 126 20.83 -17.52 -14.82
N PHE A 127 21.72 -16.53 -14.94
CA PHE A 127 22.12 -15.70 -13.82
C PHE A 127 22.12 -14.24 -14.26
N GLU A 128 21.48 -13.38 -13.46
CA GLU A 128 21.35 -11.97 -13.77
C GLU A 128 22.19 -11.14 -12.82
N ASN A 129 22.80 -10.07 -13.34
CA ASN A 129 23.48 -9.10 -12.50
C ASN A 129 23.40 -7.73 -13.17
N VAL A 130 23.94 -6.72 -12.48
CA VAL A 130 23.87 -5.35 -12.96
C VAL A 130 25.12 -5.02 -13.78
N VAL A 131 24.95 -4.10 -14.74
CA VAL A 131 26.07 -3.69 -15.58
C VAL A 131 27.07 -2.87 -14.76
N ALA A 132 26.57 -1.94 -13.96
CA ALA A 132 27.43 -1.16 -13.06
C ALA A 132 28.20 -2.10 -12.14
N MET A 133 29.43 -2.41 -12.51
CA MET A 133 30.18 -3.48 -11.86
C MET A 133 31.64 -3.39 -12.29
N LYS A 134 32.54 -3.63 -11.33
CA LYS A 134 33.96 -3.68 -11.65
C LYS A 134 34.22 -4.74 -12.70
N VAL A 135 34.97 -4.38 -13.74
CA VAL A 135 35.23 -5.32 -14.83
C VAL A 135 35.96 -6.56 -14.36
N GLY A 136 36.68 -6.48 -13.24
CA GLY A 136 37.27 -7.67 -12.66
C GLY A 136 36.22 -8.62 -12.11
N ASP A 137 35.18 -8.08 -11.49
CA ASP A 137 34.08 -8.91 -11.00
C ASP A 137 33.34 -9.57 -12.15
N LYS A 138 33.09 -8.81 -13.23
CA LYS A 138 32.47 -9.39 -14.42
C LYS A 138 33.36 -10.49 -15.01
N ARG A 139 34.67 -10.26 -15.02
CA ARG A 139 35.61 -11.26 -15.50
C ARG A 139 35.51 -12.54 -14.68
N ASP A 140 35.52 -12.42 -13.35
CA ASP A 140 35.48 -13.60 -12.50
C ASP A 140 34.14 -14.32 -12.60
N ILE A 141 33.05 -13.57 -12.76
CA ILE A 141 31.75 -14.21 -12.93
C ILE A 141 31.71 -14.99 -14.23
N SER A 142 32.22 -14.39 -15.32
CA SER A 142 32.33 -15.12 -16.58
C SER A 142 33.23 -16.34 -16.45
N ARG A 143 34.27 -16.25 -15.61
CA ARG A 143 35.15 -17.39 -15.38
C ARG A 143 34.40 -18.53 -14.70
N PHE A 144 33.70 -18.22 -13.61
CA PHE A 144 33.03 -19.26 -12.83
C PHE A 144 31.84 -19.86 -13.59
N LEU A 145 31.17 -19.07 -14.41
CA LEU A 145 30.07 -19.59 -15.22
C LEU A 145 30.51 -20.09 -16.58
N GLU A 146 31.80 -19.96 -16.91
CA GLU A 146 32.38 -20.51 -18.13
C GLU A 146 31.68 -19.99 -19.39
N CYS A 147 31.23 -18.74 -19.36
CA CYS A 147 30.57 -18.13 -20.51
C CYS A 147 30.52 -16.62 -20.29
N ASN A 148 30.11 -15.90 -21.32
CA ASN A 148 30.05 -14.45 -21.27
C ASN A 148 28.60 -13.96 -21.24
N PRO A 149 28.33 -12.81 -20.64
CA PRO A 149 26.95 -12.34 -20.52
C PRO A 149 26.48 -11.57 -21.73
N VAL A 150 25.16 -11.62 -21.94
CA VAL A 150 24.48 -10.75 -22.90
C VAL A 150 23.86 -9.60 -22.12
N MET A 151 24.04 -8.38 -22.63
CA MET A 151 23.49 -7.20 -21.99
C MET A 151 22.14 -6.89 -22.61
N ILE A 152 21.11 -6.75 -21.76
CA ILE A 152 19.77 -6.43 -22.23
C ILE A 152 19.25 -5.25 -21.41
N ASP A 153 18.74 -4.23 -22.10
CA ASP A 153 18.11 -3.09 -21.46
C ASP A 153 16.60 -3.23 -21.60
N ALA A 154 15.89 -3.00 -20.49
CA ALA A 154 14.44 -3.13 -20.49
C ALA A 154 13.74 -2.02 -21.26
N ILE A 155 14.47 -1.00 -21.70
CA ILE A 155 13.85 0.15 -22.37
C ILE A 155 13.25 -0.22 -23.71
N LYS A 156 13.69 -1.32 -24.32
CA LYS A 156 13.13 -1.73 -25.60
C LYS A 156 11.78 -2.40 -25.48
N VAL A 157 11.31 -2.68 -24.26
CA VAL A 157 10.06 -3.41 -24.07
C VAL A 157 9.26 -2.78 -22.93
N SER A 158 9.91 -1.92 -22.14
CA SER A 158 9.25 -1.25 -21.03
C SER A 158 9.53 0.25 -21.12
N ALA A 159 8.95 1.00 -20.17
CA ALA A 159 9.06 2.44 -20.15
C ALA A 159 10.17 2.94 -19.25
N ALA A 160 11.19 2.12 -18.98
CA ALA A 160 12.25 2.49 -18.06
C ALA A 160 13.59 1.95 -18.54
N HIS A 161 14.66 2.64 -18.15
CA HIS A 161 16.00 2.14 -18.36
C HIS A 161 16.34 1.09 -17.33
N ARG A 162 16.78 -0.09 -17.79
CA ARG A 162 17.23 -1.14 -16.86
C ARG A 162 18.13 -2.09 -17.66
N ALA A 163 19.43 -1.76 -17.69
CA ALA A 163 20.41 -2.55 -18.39
C ALA A 163 21.03 -3.57 -17.44
N ARG A 164 20.89 -4.85 -17.77
CA ARG A 164 21.38 -5.94 -16.93
C ARG A 164 22.12 -6.96 -17.77
N TYR A 165 23.12 -7.59 -17.13
CA TYR A 165 23.87 -8.69 -17.71
C TYR A 165 23.18 -10.02 -17.40
N PHE A 166 23.14 -10.90 -18.39
CA PHE A 166 22.55 -12.23 -18.25
C PHE A 166 23.53 -13.27 -18.76
N TRP A 167 24.04 -14.10 -17.86
CA TRP A 167 24.76 -15.30 -18.24
C TRP A 167 23.78 -16.46 -18.33
N GLY A 168 24.09 -17.43 -19.18
CA GLY A 168 23.27 -18.62 -19.25
C GLY A 168 23.40 -19.34 -20.57
N ASN A 169 22.77 -20.50 -20.62
CA ASN A 169 22.75 -21.35 -21.81
C ASN A 169 21.36 -21.44 -22.43
N LEU A 170 20.48 -20.48 -22.14
CA LEU A 170 19.15 -20.49 -22.72
C LEU A 170 19.23 -20.29 -24.23
N PRO A 171 18.29 -20.87 -24.98
CA PRO A 171 18.32 -20.70 -26.45
C PRO A 171 18.04 -19.27 -26.84
N GLY A 172 18.88 -18.74 -27.73
CA GLY A 172 18.64 -17.43 -28.31
C GLY A 172 18.79 -16.26 -27.36
N MET A 173 19.72 -16.33 -26.40
CA MET A 173 19.93 -15.23 -25.48
C MET A 173 20.53 -14.01 -26.17
N ASN A 174 21.08 -14.17 -27.38
CA ASN A 174 21.68 -13.08 -28.11
C ASN A 174 20.80 -12.54 -29.23
N ARG A 175 19.65 -13.16 -29.47
CA ARG A 175 18.75 -12.70 -30.53
C ARG A 175 18.23 -11.30 -30.20
N PRO A 176 17.84 -10.54 -31.22
CA PRO A 176 17.39 -9.16 -30.96
C PRO A 176 16.09 -9.13 -30.19
N VAL A 177 15.97 -8.12 -29.33
CA VAL A 177 14.80 -7.94 -28.48
C VAL A 177 13.78 -7.10 -29.23
N ILE A 178 12.62 -7.69 -29.51
CA ILE A 178 11.52 -6.99 -30.17
C ILE A 178 10.35 -6.89 -29.20
N ALA A 179 9.65 -5.76 -29.25
CA ALA A 179 8.55 -5.51 -28.34
C ALA A 179 7.27 -6.17 -28.85
N SER A 180 6.33 -6.36 -27.93
CA SER A 180 5.05 -6.97 -28.23
C SER A 180 3.95 -5.92 -28.33
N LYS A 181 2.76 -6.38 -28.73
CA LYS A 181 1.63 -5.48 -28.89
C LYS A 181 1.16 -4.90 -27.56
N ASN A 182 1.34 -5.65 -26.47
CA ASN A 182 0.83 -5.26 -25.16
C ASN A 182 1.89 -4.59 -24.28
N ASP A 183 3.10 -4.42 -24.77
CA ASP A 183 4.16 -3.80 -23.97
C ASP A 183 3.91 -2.31 -23.84
N LYS A 184 3.68 -1.85 -22.62
CA LYS A 184 3.51 -0.42 -22.35
C LYS A 184 4.88 0.25 -22.45
N LEU A 185 5.16 0.82 -23.63
CA LEU A 185 6.51 1.28 -23.93
C LEU A 185 6.82 2.67 -23.39
N GLU A 186 5.80 3.49 -23.11
CA GLU A 186 6.03 4.85 -22.62
C GLU A 186 5.38 5.03 -21.26
N LEU A 187 5.92 5.98 -20.48
CA LEU A 187 5.46 6.20 -19.13
C LEU A 187 3.97 6.52 -19.07
N GLN A 188 3.45 7.22 -20.09
CA GLN A 188 2.04 7.59 -20.09
C GLN A 188 1.13 6.36 -20.07
N ASP A 189 1.56 5.27 -20.71
CA ASP A 189 0.77 4.05 -20.69
C ASP A 189 0.76 3.37 -19.33
N CYS A 190 1.66 3.75 -18.43
CA CYS A 190 1.78 3.11 -17.13
C CYS A 190 1.16 3.92 -16.00
N LEU A 191 0.65 5.11 -16.29
CA LEU A 191 0.11 5.98 -15.25
C LEU A 191 -1.38 5.74 -15.06
N GLU A 192 -1.88 6.16 -13.90
CA GLU A 192 -3.29 6.07 -13.59
C GLU A 192 -4.04 7.22 -14.27
N TYR A 193 -5.36 7.20 -14.13
CA TYR A 193 -6.20 8.25 -14.70
C TYR A 193 -5.88 9.60 -14.06
N ASN A 194 -6.04 10.67 -14.85
CA ASN A 194 -5.86 12.05 -14.40
C ASN A 194 -4.41 12.34 -13.99
N ARG A 195 -3.46 11.59 -14.55
CA ARG A 195 -2.05 11.82 -14.29
C ARG A 195 -1.30 11.85 -15.61
N ILE A 196 -0.39 12.81 -15.75
CA ILE A 196 0.32 13.06 -17.00
C ILE A 196 1.80 12.80 -16.77
N ALA A 197 2.43 12.14 -17.73
CA ALA A 197 3.85 11.83 -17.66
C ALA A 197 4.67 12.95 -18.29
N LYS A 198 5.67 13.45 -17.55
CA LYS A 198 6.55 14.48 -18.10
C LYS A 198 7.42 13.92 -19.20
N LEU A 199 7.87 12.67 -19.07
CA LEU A 199 8.78 12.05 -20.02
C LEU A 199 8.12 10.81 -20.63
N LYS A 200 8.81 10.23 -21.60
CA LYS A 200 8.38 8.98 -22.22
C LYS A 200 9.06 7.76 -21.63
N LYS A 201 10.27 7.93 -21.09
CA LYS A 201 10.99 6.88 -20.37
C LYS A 201 11.51 7.44 -19.06
N VAL A 202 11.74 6.56 -18.10
CA VAL A 202 12.24 6.96 -16.79
C VAL A 202 13.60 6.33 -16.56
N GLN A 203 14.43 7.02 -15.77
CA GLN A 203 15.76 6.54 -15.45
C GLN A 203 15.69 5.27 -14.62
N THR A 204 16.86 4.66 -14.41
CA THR A 204 16.94 3.39 -13.70
C THR A 204 16.37 3.54 -12.28
N ILE A 205 15.33 2.76 -11.99
CA ILE A 205 14.66 2.81 -10.70
C ILE A 205 15.34 1.83 -9.75
N THR A 206 15.90 2.36 -8.67
CA THR A 206 16.51 1.54 -7.63
C THR A 206 15.57 1.44 -6.43
N THR A 207 16.08 0.89 -5.33
CA THR A 207 15.25 0.72 -4.14
C THR A 207 15.01 2.05 -3.44
N LYS A 208 16.03 2.92 -3.41
CA LYS A 208 15.88 4.22 -2.76
C LYS A 208 14.87 5.08 -3.52
N SER A 209 14.29 6.04 -2.79
CA SER A 209 13.25 6.89 -3.34
C SER A 209 13.79 8.10 -4.10
N ASN A 210 15.10 8.25 -4.20
CA ASN A 210 15.70 9.36 -4.94
C ASN A 210 15.87 9.06 -6.43
N SER A 211 15.48 7.87 -6.87
CA SER A 211 15.58 7.48 -8.27
C SER A 211 14.26 7.59 -9.02
N ILE A 212 13.23 8.14 -8.39
CA ILE A 212 11.95 8.37 -9.06
C ILE A 212 12.01 9.72 -9.76
N LYS A 213 12.24 10.78 -8.99
CA LYS A 213 12.40 12.12 -9.57
C LYS A 213 13.54 12.12 -10.58
N GLN A 214 13.26 12.63 -11.77
CA GLN A 214 14.19 12.48 -12.89
C GLN A 214 15.14 13.68 -12.99
N GLN A 218 16.55 16.38 -10.12
CA GLN A 218 15.54 15.47 -9.61
C GLN A 218 14.13 16.04 -9.79
N LEU A 219 13.61 15.95 -11.00
CA LEU A 219 12.29 16.48 -11.32
C LEU A 219 11.25 15.38 -11.19
N PHE A 220 10.18 15.67 -10.45
CA PHE A 220 9.13 14.69 -10.21
C PHE A 220 8.55 14.22 -11.54
N PRO A 221 8.35 12.90 -11.72
CA PRO A 221 7.99 12.40 -13.05
C PRO A 221 6.56 12.67 -13.48
N VAL A 222 5.63 12.89 -12.56
CA VAL A 222 4.22 12.94 -12.91
C VAL A 222 3.66 14.31 -12.55
N VAL A 223 2.65 14.74 -13.31
CA VAL A 223 1.86 15.92 -12.99
C VAL A 223 0.41 15.49 -12.79
N MET A 224 -0.17 15.86 -11.66
CA MET A 224 -1.56 15.56 -11.36
C MET A 224 -2.22 16.85 -10.84
N ASN A 225 -3.32 17.25 -11.48
CA ASN A 225 -4.02 18.48 -11.13
C ASN A 225 -3.11 19.69 -11.16
N GLY A 226 -2.11 19.68 -12.05
CA GLY A 226 -1.16 20.77 -12.15
C GLY A 226 -0.08 20.78 -11.10
N LYS A 227 0.03 19.73 -10.28
CA LYS A 227 1.03 19.66 -9.23
C LYS A 227 1.99 18.51 -9.51
N GLU A 228 3.24 18.67 -9.10
CA GLU A 228 4.21 17.59 -9.26
C GLU A 228 3.88 16.43 -8.32
N ASP A 229 4.25 15.22 -8.76
CA ASP A 229 3.98 14.03 -7.98
C ASP A 229 4.91 12.91 -8.45
N VAL A 230 5.28 12.05 -7.50
CA VAL A 230 6.11 10.88 -7.75
C VAL A 230 5.24 9.77 -8.35
N LEU A 231 5.87 8.67 -8.73
CA LEU A 231 5.14 7.54 -9.27
C LEU A 231 4.42 6.79 -8.15
N TRP A 232 3.47 5.95 -8.56
CA TRP A 232 2.67 5.16 -7.63
C TRP A 232 3.06 3.69 -7.73
N CYS A 233 2.59 2.92 -6.74
CA CYS A 233 2.94 1.49 -6.69
C CYS A 233 2.45 0.76 -7.92
N THR A 234 1.17 0.96 -8.28
CA THR A 234 0.64 0.35 -9.50
C THR A 234 1.37 0.87 -10.73
N GLU A 235 1.80 2.14 -10.70
CA GLU A 235 2.52 2.68 -11.84
C GLU A 235 3.89 2.03 -11.99
N LEU A 236 4.62 1.85 -10.89
CA LEU A 236 5.87 1.12 -10.95
C LEU A 236 5.65 -0.32 -11.40
N GLU A 237 4.56 -0.94 -10.93
CA GLU A 237 4.23 -2.30 -11.36
C GLU A 237 4.05 -2.36 -12.87
N ARG A 238 3.33 -1.39 -13.43
CA ARG A 238 3.16 -1.36 -14.89
C ARG A 238 4.49 -1.10 -15.59
N ILE A 239 5.33 -0.24 -15.00
CA ILE A 239 6.63 0.06 -15.60
C ILE A 239 7.49 -1.20 -15.69
N PHE A 240 7.47 -2.01 -14.64
CA PHE A 240 8.28 -3.22 -14.60
C PHE A 240 7.62 -4.42 -15.27
N GLY A 241 6.39 -4.26 -15.76
CA GLY A 241 5.70 -5.32 -16.46
C GLY A 241 4.90 -6.27 -15.59
N PHE A 242 4.87 -6.06 -14.28
CA PHE A 242 4.08 -6.90 -13.40
C PHE A 242 2.60 -6.55 -13.51
N PRO A 243 1.71 -7.50 -13.25
CA PRO A 243 0.29 -7.16 -13.16
C PRO A 243 0.04 -6.17 -12.03
N VAL A 244 -0.97 -5.32 -12.21
CA VAL A 244 -1.26 -4.32 -11.20
C VAL A 244 -1.65 -5.00 -9.90
N HIS A 245 -1.26 -4.37 -8.77
CA HIS A 245 -1.51 -4.87 -7.42
C HIS A 245 -0.74 -6.15 -7.11
N TYR A 246 0.30 -6.46 -7.89
CA TYR A 246 1.11 -7.64 -7.64
C TYR A 246 1.79 -7.57 -6.27
N THR A 247 2.14 -6.37 -5.82
CA THR A 247 2.78 -6.18 -4.52
C THR A 247 1.82 -5.60 -3.48
N ASP A 248 0.51 -5.66 -3.73
CA ASP A 248 -0.48 -5.23 -2.75
C ASP A 248 -0.65 -6.34 -1.71
N VAL A 249 0.41 -6.55 -0.94
CA VAL A 249 0.50 -7.65 0.00
C VAL A 249 1.14 -7.16 1.29
N SER A 250 0.65 -7.66 2.43
CA SER A 250 1.33 -7.53 3.72
C SER A 250 1.33 -6.09 4.23
N ASN A 251 0.24 -5.36 3.96
CA ASN A 251 0.07 -3.98 4.43
C ASN A 251 1.23 -3.07 4.00
N MET A 252 1.86 -3.39 2.87
CA MET A 252 3.03 -2.66 2.44
C MET A 252 2.63 -1.30 1.86
N GLY A 253 3.34 -0.26 2.28
CA GLY A 253 3.14 1.07 1.72
C GLY A 253 3.90 1.26 0.43
N GLY A 254 4.00 2.53 0.02
CA GLY A 254 4.74 2.84 -1.18
C GLY A 254 6.21 2.53 -1.07
N GLY A 255 6.79 2.75 0.12
CA GLY A 255 8.21 2.52 0.29
C GLY A 255 8.61 1.06 0.15
N ALA A 256 7.88 0.18 0.84
CA ALA A 256 8.22 -1.25 0.79
C ALA A 256 7.99 -1.83 -0.59
N ARG A 257 6.87 -1.49 -1.22
CA ARG A 257 6.59 -2.00 -2.56
C ARG A 257 7.60 -1.46 -3.57
N GLN A 258 8.01 -0.20 -3.41
CA GLN A 258 9.04 0.34 -4.30
C GLN A 258 10.37 -0.37 -4.07
N LYS A 259 10.70 -0.67 -2.82
CA LYS A 259 11.91 -1.43 -2.54
C LYS A 259 11.88 -2.79 -3.22
N LEU A 260 10.73 -3.47 -3.18
CA LEU A 260 10.63 -4.78 -3.80
C LEU A 260 10.71 -4.68 -5.33
N LEU A 261 10.04 -3.70 -5.92
CA LEU A 261 10.02 -3.58 -7.37
C LEU A 261 11.31 -3.02 -7.95
N GLY A 262 12.08 -2.25 -7.17
CA GLY A 262 13.29 -1.64 -7.69
C GLY A 262 14.43 -2.59 -7.91
N ARG A 263 14.42 -3.75 -7.25
CA ARG A 263 15.40 -4.79 -7.50
C ARG A 263 14.83 -5.96 -8.27
N SER A 264 13.53 -5.93 -8.60
CA SER A 264 12.91 -7.01 -9.34
C SER A 264 13.43 -7.06 -10.77
N TRP A 265 13.02 -8.10 -11.48
CA TRP A 265 13.34 -8.24 -12.89
C TRP A 265 12.29 -7.53 -13.74
N SER A 266 12.68 -7.12 -14.94
CA SER A 266 11.72 -6.61 -15.91
C SER A 266 10.99 -7.79 -16.51
N VAL A 267 9.68 -7.87 -16.27
CA VAL A 267 8.89 -9.01 -16.72
C VAL A 267 9.03 -9.26 -18.22
N PRO A 268 8.94 -8.26 -19.10
CA PRO A 268 9.11 -8.54 -20.54
C PRO A 268 10.50 -9.06 -20.90
N VAL A 269 11.54 -8.63 -20.18
CA VAL A 269 12.88 -9.14 -20.47
C VAL A 269 12.98 -10.62 -20.13
N ILE A 270 12.48 -11.00 -18.94
CA ILE A 270 12.48 -12.40 -18.56
C ILE A 270 11.59 -13.22 -19.48
N ARG A 271 10.50 -12.63 -19.98
CA ARG A 271 9.68 -13.33 -20.95
C ARG A 271 10.44 -13.57 -22.25
N HIS A 272 11.17 -12.55 -22.73
CA HIS A 272 12.01 -12.73 -23.89
C HIS A 272 13.02 -13.86 -23.69
N LEU A 273 13.63 -13.92 -22.50
CA LEU A 273 14.64 -14.94 -22.26
C LEU A 273 14.04 -16.33 -22.08
N PHE A 274 12.83 -16.42 -21.53
CA PHE A 274 12.22 -17.71 -21.22
C PHE A 274 11.32 -18.24 -22.34
N ALA A 275 11.02 -17.42 -23.34
CA ALA A 275 10.13 -17.88 -24.42
C ALA A 275 10.61 -19.14 -25.13
N PRO A 276 11.88 -19.32 -25.46
CA PRO A 276 12.29 -20.57 -26.12
C PRO A 276 12.03 -21.83 -25.31
N LEU A 277 11.78 -21.70 -24.00
CA LEU A 277 11.52 -22.88 -23.16
C LEU A 277 10.20 -23.56 -23.50
N LYS A 278 9.32 -22.91 -24.27
CA LYS A 278 8.05 -23.53 -24.62
C LYS A 278 8.22 -24.74 -25.53
N ASP A 279 9.37 -24.87 -26.19
CA ASP A 279 9.63 -25.98 -27.10
C ASP A 279 10.37 -27.12 -26.42
N TYR A 280 10.53 -27.08 -25.09
CA TYR A 280 11.20 -28.14 -24.36
C TYR A 280 10.39 -28.71 -23.20
N PHE A 281 9.26 -28.09 -22.84
CA PHE A 281 8.48 -28.53 -21.69
C PHE A 281 7.00 -28.41 -22.02
N ALA A 282 6.19 -29.07 -21.20
CA ALA A 282 4.75 -29.11 -21.44
C ALA A 282 4.13 -27.74 -21.29
N CYS A 283 3.11 -27.48 -22.11
CA CYS A 283 2.38 -26.22 -22.08
C CYS A 283 0.89 -26.51 -21.93
N GLU A 284 0.15 -25.48 -21.52
CA GLU A 284 -1.28 -25.62 -21.27
C GLU A 284 -2.06 -25.93 -22.55
N MET B 3 36.57 -42.45 -1.77
CA MET B 3 37.34 -43.48 -1.10
C MET B 3 37.78 -44.51 -2.13
N PHE B 4 39.04 -44.89 -2.09
CA PHE B 4 39.63 -45.77 -3.08
C PHE B 4 40.24 -47.00 -2.42
N GLU B 5 40.54 -48.00 -3.25
CA GLU B 5 41.25 -49.19 -2.82
C GLU B 5 42.75 -48.97 -2.99
N THR B 6 43.53 -49.50 -2.06
CA THR B 6 44.98 -49.40 -2.15
C THR B 6 45.49 -50.25 -3.31
N VAL B 7 46.48 -49.72 -4.02
CA VAL B 7 46.99 -50.34 -5.24
C VAL B 7 48.22 -51.18 -4.90
N PRO B 8 48.39 -52.35 -5.52
CA PRO B 8 49.63 -53.11 -5.34
C PRO B 8 50.86 -52.25 -5.63
N VAL B 9 51.96 -52.57 -4.94
CA VAL B 9 53.13 -51.69 -4.94
C VAL B 9 53.79 -51.63 -6.32
N TRP B 10 53.74 -52.71 -7.09
CA TRP B 10 54.39 -52.71 -8.38
C TRP B 10 53.63 -51.93 -9.44
N ARG B 11 52.35 -51.62 -9.19
CA ARG B 11 51.52 -50.89 -10.13
C ARG B 11 51.46 -49.40 -9.83
N ARG B 12 52.08 -48.95 -8.74
CA ARG B 12 52.01 -47.54 -8.37
C ARG B 12 52.77 -46.67 -9.38
N GLN B 13 52.29 -45.45 -9.54
CA GLN B 13 52.71 -44.56 -10.62
C GLN B 13 53.32 -43.28 -10.06
N PRO B 14 54.07 -42.53 -10.88
CA PRO B 14 54.52 -41.21 -10.45
C PRO B 14 53.34 -40.24 -10.36
N VAL B 15 53.14 -39.68 -9.18
CA VAL B 15 51.98 -38.82 -8.96
C VAL B 15 52.13 -37.53 -9.76
N ARG B 16 50.99 -36.99 -10.19
CA ARG B 16 50.92 -35.69 -10.85
C ARG B 16 50.07 -34.78 -9.99
N VAL B 17 50.63 -33.65 -9.58
CA VAL B 17 49.97 -32.75 -8.64
C VAL B 17 49.81 -31.39 -9.27
N LEU B 18 48.73 -30.70 -8.90
CA LEU B 18 48.47 -29.33 -9.28
C LEU B 18 48.52 -28.47 -8.02
N SER B 19 49.59 -27.68 -7.89
CA SER B 19 49.82 -26.86 -6.71
C SER B 19 49.54 -25.41 -7.07
N LEU B 20 48.51 -24.83 -6.44
CA LEU B 20 48.13 -23.45 -6.68
C LEU B 20 48.60 -22.56 -5.54
N PHE B 21 48.83 -21.29 -5.87
CA PHE B 21 49.20 -20.25 -4.90
C PHE B 21 50.54 -20.54 -4.24
N GLU B 22 50.56 -21.53 -3.34
CA GLU B 22 51.78 -21.91 -2.63
C GLU B 22 52.36 -23.17 -3.25
N ASP B 23 53.66 -23.15 -3.54
CA ASP B 23 54.34 -24.27 -4.17
C ASP B 23 54.86 -25.24 -3.11
N ILE B 24 54.80 -26.53 -3.44
CA ILE B 24 55.32 -27.57 -2.56
C ILE B 24 56.22 -28.49 -3.36
N LYS B 25 56.72 -28.01 -4.50
CA LYS B 25 57.54 -28.81 -5.40
C LYS B 25 58.74 -29.40 -4.67
N LYS B 26 59.71 -28.55 -4.31
CA LYS B 26 60.84 -29.00 -3.51
C LYS B 26 60.39 -29.58 -2.19
N GLU B 27 59.23 -29.15 -1.68
CA GLU B 27 58.71 -29.71 -0.44
C GLU B 27 58.17 -31.11 -0.63
N LEU B 28 57.58 -31.41 -1.79
CA LEU B 28 57.02 -32.72 -2.05
C LEU B 28 58.04 -33.71 -2.59
N THR B 29 59.15 -33.24 -3.16
CA THR B 29 60.24 -34.14 -3.52
C THR B 29 60.82 -34.82 -2.30
N SER B 30 60.75 -34.15 -1.13
CA SER B 30 61.36 -34.68 0.08
C SER B 30 60.70 -35.98 0.55
N LEU B 31 59.47 -36.26 0.09
CA LEU B 31 58.77 -37.49 0.46
C LEU B 31 58.82 -38.53 -0.64
N GLY B 32 59.47 -38.24 -1.77
CA GLY B 32 59.67 -39.23 -2.82
C GLY B 32 58.65 -39.22 -3.94
N PHE B 33 57.69 -38.29 -3.92
CA PHE B 33 56.67 -38.26 -4.96
C PHE B 33 57.18 -37.67 -6.26
N LEU B 34 58.25 -36.88 -6.22
CA LEU B 34 58.88 -36.32 -7.40
C LEU B 34 60.34 -36.74 -7.47
N GLU B 35 60.94 -36.56 -8.64
CA GLU B 35 62.36 -36.83 -8.85
C GLU B 35 63.01 -35.60 -9.46
N SER B 36 64.32 -35.47 -9.21
CA SER B 36 65.04 -34.28 -9.68
C SER B 36 65.18 -34.28 -11.20
N GLY B 37 65.38 -35.45 -11.80
CA GLY B 37 65.55 -35.53 -13.24
C GLY B 37 64.25 -35.77 -13.99
N SER B 38 63.43 -34.74 -14.09
CA SER B 38 62.16 -34.82 -14.80
C SER B 38 61.93 -33.52 -15.57
N ASP B 39 61.69 -33.66 -16.88
CA ASP B 39 61.41 -32.46 -17.68
C ASP B 39 60.04 -31.88 -17.35
N PRO B 40 58.94 -32.63 -17.35
CA PRO B 40 57.67 -32.04 -16.92
C PRO B 40 57.62 -31.78 -15.42
N GLY B 41 58.38 -32.51 -14.63
CA GLY B 41 58.40 -32.34 -13.19
C GLY B 41 57.21 -32.91 -12.45
N GLN B 42 56.16 -33.31 -13.17
CA GLN B 42 54.95 -33.92 -12.58
C GLN B 42 54.16 -32.93 -11.72
N LEU B 43 54.78 -31.83 -11.31
CA LEU B 43 54.11 -30.78 -10.56
C LEU B 43 53.91 -29.57 -11.45
N LYS B 44 52.67 -29.10 -11.56
CA LYS B 44 52.33 -27.87 -12.26
C LYS B 44 51.97 -26.82 -11.24
N HIS B 45 52.75 -25.74 -11.20
CA HIS B 45 52.54 -24.66 -10.25
C HIS B 45 52.11 -23.39 -10.97
N VAL B 46 51.14 -22.70 -10.40
CA VAL B 46 50.64 -21.44 -10.95
C VAL B 46 50.01 -20.66 -9.81
N VAL B 47 50.27 -19.36 -9.78
CA VAL B 47 49.83 -18.49 -8.69
C VAL B 47 48.63 -17.63 -9.09
N ASP B 48 48.70 -16.98 -10.26
CA ASP B 48 47.62 -16.11 -10.71
C ASP B 48 46.70 -16.92 -11.60
N VAL B 49 45.55 -17.30 -11.07
CA VAL B 49 44.61 -18.19 -11.75
C VAL B 49 43.37 -17.44 -12.22
N THR B 50 43.44 -16.11 -12.29
CA THR B 50 42.26 -15.32 -12.64
C THR B 50 41.79 -15.60 -14.06
N ASP B 51 42.72 -15.85 -14.98
CA ASP B 51 42.40 -16.10 -16.38
C ASP B 51 42.62 -17.55 -16.78
N THR B 52 42.50 -18.46 -15.83
CA THR B 52 42.65 -19.89 -16.08
C THR B 52 41.32 -20.47 -16.55
N VAL B 53 41.32 -21.07 -17.74
CA VAL B 53 40.14 -21.70 -18.29
C VAL B 53 40.22 -23.20 -18.03
N ARG B 54 39.10 -23.90 -18.22
CA ARG B 54 39.08 -25.34 -18.01
C ARG B 54 40.00 -26.05 -19.00
N LYS B 55 39.97 -25.64 -20.27
CA LYS B 55 40.83 -26.26 -21.27
C LYS B 55 42.31 -26.04 -20.96
N ASP B 56 42.65 -24.99 -20.21
CA ASP B 56 44.02 -24.81 -19.75
C ASP B 56 44.42 -25.93 -18.79
N VAL B 57 43.57 -26.20 -17.79
CA VAL B 57 43.85 -27.27 -16.84
C VAL B 57 43.87 -28.62 -17.55
N GLU B 58 43.01 -28.78 -18.56
CA GLU B 58 42.99 -30.04 -19.31
C GLU B 58 44.25 -30.22 -20.14
N GLU B 59 44.75 -29.14 -20.76
CA GLU B 59 45.99 -29.22 -21.51
C GLU B 59 47.19 -29.50 -20.63
N TRP B 60 47.11 -29.17 -19.34
CA TRP B 60 48.20 -29.39 -18.41
C TRP B 60 48.29 -30.84 -17.92
N GLY B 61 47.74 -31.79 -18.69
CA GLY B 61 47.83 -33.19 -18.35
C GLY B 61 46.93 -33.57 -17.20
N PRO B 62 46.49 -34.83 -17.16
CA PRO B 62 45.72 -35.30 -16.01
C PRO B 62 46.49 -35.14 -14.71
N PHE B 63 45.75 -34.95 -13.63
CA PHE B 63 46.32 -34.80 -12.29
C PHE B 63 45.74 -35.84 -11.35
N ASP B 64 46.48 -36.13 -10.29
CA ASP B 64 46.03 -37.02 -9.24
C ASP B 64 45.88 -36.33 -7.90
N LEU B 65 46.52 -35.18 -7.70
CA LEU B 65 46.37 -34.39 -6.48
C LEU B 65 46.26 -32.92 -6.87
N VAL B 66 45.34 -32.21 -6.23
CA VAL B 66 45.17 -30.78 -6.42
C VAL B 66 45.37 -30.11 -5.06
N TYR B 67 46.31 -29.17 -4.99
CA TYR B 67 46.69 -28.54 -3.73
C TYR B 67 46.53 -27.04 -3.84
N GLY B 68 45.93 -26.45 -2.81
CA GLY B 68 45.83 -25.00 -2.72
C GLY B 68 46.05 -24.56 -1.29
N ALA B 69 46.58 -23.36 -1.13
CA ALA B 69 46.94 -22.86 0.19
C ALA B 69 46.73 -21.36 0.27
N THR B 70 46.30 -20.90 1.44
CA THR B 70 46.23 -19.48 1.69
C THR B 70 47.63 -18.93 1.92
N PRO B 71 47.85 -17.63 1.67
CA PRO B 71 49.16 -17.04 1.91
C PRO B 71 49.55 -17.13 3.37
N PRO B 72 50.83 -16.97 3.70
CA PRO B 72 51.25 -17.02 5.11
C PRO B 72 50.59 -15.92 5.92
N LEU B 73 50.51 -16.14 7.23
CA LEU B 73 49.82 -15.22 8.12
C LEU B 73 50.51 -13.86 8.12
N GLY B 74 51.83 -13.84 8.13
CA GLY B 74 52.57 -12.60 8.13
C GLY B 74 52.76 -11.99 6.76
N HIS B 75 51.73 -12.09 5.92
CA HIS B 75 51.75 -11.54 4.57
C HIS B 75 50.47 -10.74 4.35
N THR B 76 50.62 -9.45 4.08
CA THR B 76 49.47 -8.59 3.82
C THR B 76 48.79 -9.03 2.53
N CYS B 77 47.53 -9.46 2.66
CA CYS B 77 46.81 -10.04 1.52
C CYS B 77 46.41 -8.94 0.53
N ASP B 78 46.95 -9.02 -0.69
CA ASP B 78 46.49 -8.15 -1.76
C ASP B 78 45.16 -8.62 -2.34
N ARG B 79 44.88 -9.94 -2.29
CA ARG B 79 43.67 -10.64 -2.65
C ARG B 79 42.83 -10.92 -1.41
N PRO B 80 41.50 -10.89 -1.53
CA PRO B 80 40.68 -11.24 -0.38
C PRO B 80 40.89 -12.69 0.01
N PRO B 81 40.72 -13.00 1.31
CA PRO B 81 41.01 -14.38 1.76
C PRO B 81 40.14 -15.44 1.11
N SER B 82 38.90 -15.11 0.72
CA SER B 82 38.00 -16.10 0.14
C SER B 82 38.27 -16.34 -1.34
N TRP B 83 39.01 -15.42 -1.99
CA TRP B 83 39.33 -15.60 -3.41
C TRP B 83 40.08 -16.90 -3.64
N TYR B 84 41.02 -17.23 -2.75
CA TYR B 84 41.78 -18.48 -2.88
C TYR B 84 40.86 -19.68 -2.78
N LEU B 85 39.92 -19.68 -1.82
CA LEU B 85 39.00 -20.79 -1.68
C LEU B 85 38.15 -20.96 -2.93
N PHE B 86 37.57 -19.87 -3.43
CA PHE B 86 36.68 -19.98 -4.59
C PHE B 86 37.45 -20.42 -5.84
N GLN B 87 38.64 -19.86 -6.07
CA GLN B 87 39.40 -20.24 -7.24
C GLN B 87 39.91 -21.68 -7.14
N PHE B 88 40.28 -22.12 -5.93
CA PHE B 88 40.65 -23.51 -5.72
C PHE B 88 39.49 -24.44 -6.07
N HIS B 89 38.28 -24.09 -5.59
CA HIS B 89 37.11 -24.91 -5.92
C HIS B 89 36.89 -24.97 -7.42
N ARG B 90 36.99 -23.82 -8.09
CA ARG B 90 36.77 -23.78 -9.54
C ARG B 90 37.76 -24.68 -10.28
N LEU B 91 39.06 -24.48 -10.04
CA LEU B 91 40.05 -25.28 -10.75
C LEU B 91 40.00 -26.75 -10.34
N LEU B 92 39.59 -27.05 -9.11
CA LEU B 92 39.43 -28.44 -8.71
C LEU B 92 38.32 -29.11 -9.51
N GLN B 93 37.17 -28.46 -9.62
CA GLN B 93 36.11 -29.01 -10.47
C GLN B 93 36.57 -29.13 -11.92
N TYR B 94 37.44 -28.23 -12.37
CA TYR B 94 38.04 -28.40 -13.69
C TYR B 94 38.92 -29.65 -13.77
N ALA B 95 39.58 -30.00 -12.66
CA ALA B 95 40.58 -31.06 -12.67
C ALA B 95 40.02 -32.44 -12.32
N ARG B 96 38.76 -32.55 -11.90
CA ARG B 96 38.22 -33.85 -11.55
C ARG B 96 38.11 -34.73 -12.79
N PRO B 97 38.37 -36.03 -12.65
CA PRO B 97 38.16 -36.94 -13.78
C PRO B 97 36.69 -37.13 -14.07
N LYS B 98 36.40 -37.50 -15.31
CA LYS B 98 35.03 -37.72 -15.73
C LYS B 98 34.43 -38.90 -14.95
N PRO B 99 33.10 -38.92 -14.78
CA PRO B 99 32.49 -40.03 -14.01
C PRO B 99 32.68 -41.39 -14.65
N GLY B 100 32.85 -41.46 -15.96
CA GLY B 100 33.15 -42.70 -16.65
C GLY B 100 34.56 -43.23 -16.48
N SER B 101 35.35 -42.64 -15.60
CA SER B 101 36.74 -43.06 -15.38
C SER B 101 37.08 -42.88 -13.92
N PRO B 102 36.63 -43.79 -13.05
CA PRO B 102 36.92 -43.66 -11.62
C PRO B 102 38.35 -44.03 -11.27
N ARG B 103 39.26 -43.07 -11.29
CA ARG B 103 40.64 -43.27 -10.93
C ARG B 103 40.96 -42.58 -9.60
N PRO B 104 42.01 -43.01 -8.90
CA PRO B 104 42.39 -42.33 -7.66
C PRO B 104 42.64 -40.85 -7.88
N PHE B 105 42.03 -40.02 -7.03
CA PHE B 105 42.09 -38.58 -7.16
C PHE B 105 41.89 -37.95 -5.80
N PHE B 106 42.78 -37.04 -5.42
CA PHE B 106 42.73 -36.40 -4.11
C PHE B 106 42.91 -34.90 -4.27
N TRP B 107 42.43 -34.16 -3.27
CA TRP B 107 42.55 -32.71 -3.23
C TRP B 107 42.86 -32.28 -1.80
N MET B 108 43.47 -31.11 -1.67
CA MET B 108 43.82 -30.59 -0.36
C MET B 108 43.85 -29.08 -0.40
N PHE B 109 43.12 -28.45 0.53
CA PHE B 109 43.16 -27.01 0.74
C PHE B 109 43.57 -26.75 2.18
N VAL B 110 44.58 -25.91 2.37
CA VAL B 110 45.09 -25.61 3.70
C VAL B 110 45.08 -24.10 3.92
N ASP B 111 44.82 -23.71 5.16
CA ASP B 111 44.67 -22.32 5.56
C ASP B 111 45.63 -22.00 6.70
N ASN B 112 46.28 -20.84 6.59
CA ASN B 112 47.21 -20.34 7.60
C ASN B 112 46.54 -19.36 8.54
N LEU B 113 45.29 -19.64 8.94
CA LEU B 113 44.52 -18.77 9.84
C LEU B 113 44.33 -17.38 9.24
N VAL B 114 44.09 -17.33 7.93
CA VAL B 114 43.71 -16.08 7.27
C VAL B 114 42.20 -15.99 7.10
N LEU B 115 41.48 -17.10 7.19
CA LEU B 115 40.03 -17.12 7.05
C LEU B 115 39.37 -16.91 8.42
N ASN B 116 38.43 -15.97 8.46
CA ASN B 116 37.64 -15.74 9.68
C ASN B 116 36.51 -16.76 9.73
N LYS B 117 35.55 -16.54 10.64
CA LYS B 117 34.52 -17.55 10.90
C LYS B 117 33.61 -17.74 9.68
N GLU B 118 33.14 -16.65 9.09
CA GLU B 118 32.26 -16.77 7.93
C GLU B 118 33.00 -17.39 6.75
N ASP B 119 34.28 -17.04 6.58
CA ASP B 119 35.08 -17.68 5.53
C ASP B 119 35.26 -19.16 5.81
N LEU B 120 35.44 -19.53 7.09
CA LEU B 120 35.52 -20.94 7.46
C LEU B 120 34.25 -21.67 7.09
N ASP B 121 33.08 -21.08 7.37
CA ASP B 121 31.81 -21.72 7.06
C ASP B 121 31.63 -21.85 5.55
N VAL B 122 32.02 -20.82 4.79
CA VAL B 122 31.93 -20.92 3.32
C VAL B 122 32.81 -22.05 2.80
N ALA B 123 34.05 -22.13 3.32
CA ALA B 123 34.96 -23.18 2.87
C ALA B 123 34.44 -24.57 3.24
N SER B 124 33.87 -24.70 4.44
CA SER B 124 33.32 -26.00 4.85
C SER B 124 32.07 -26.35 4.05
N ARG B 125 31.33 -25.35 3.59
CA ARG B 125 30.17 -25.63 2.74
C ARG B 125 30.61 -26.10 1.36
N PHE B 126 31.59 -25.42 0.77
CA PHE B 126 32.01 -25.77 -0.59
C PHE B 126 32.79 -27.08 -0.62
N LEU B 127 33.62 -27.32 0.39
CA LEU B 127 34.44 -28.53 0.45
C LEU B 127 33.75 -29.69 1.16
N GLU B 128 32.50 -29.51 1.59
CA GLU B 128 31.65 -30.59 2.06
C GLU B 128 32.21 -31.30 3.28
N MET B 129 33.04 -30.62 4.08
CA MET B 129 33.59 -31.22 5.28
C MET B 129 34.08 -30.13 6.21
N GLU B 130 34.11 -30.45 7.50
CA GLU B 130 34.71 -29.56 8.48
C GLU B 130 36.24 -29.70 8.43
N PRO B 131 36.97 -28.63 8.71
CA PRO B 131 38.43 -28.69 8.66
C PRO B 131 39.00 -29.46 9.84
N VAL B 132 40.30 -29.71 9.78
CA VAL B 132 41.06 -30.28 10.89
C VAL B 132 42.23 -29.36 11.18
N THR B 133 42.50 -29.13 12.46
CA THR B 133 43.54 -28.21 12.89
C THR B 133 44.79 -28.98 13.31
N ILE B 134 45.92 -28.61 12.73
CA ILE B 134 47.23 -29.16 13.10
C ILE B 134 48.00 -28.08 13.85
N PRO B 135 48.41 -28.33 15.10
CA PRO B 135 49.10 -27.29 15.88
C PRO B 135 50.61 -27.47 15.90
N ASP B 136 51.31 -26.51 16.52
CA ASP B 136 52.76 -26.53 16.63
C ASP B 136 53.13 -26.17 18.06
N VAL B 137 53.72 -27.12 18.78
CA VAL B 137 54.16 -26.90 20.15
C VAL B 137 55.59 -26.37 20.12
N HIS B 138 55.80 -25.20 20.71
CA HIS B 138 57.12 -24.58 20.80
C HIS B 138 57.77 -24.40 19.43
N GLN B 143 54.82 -20.82 18.33
CA GLN B 143 53.53 -21.48 18.12
C GLN B 143 52.96 -21.14 16.74
N ASN B 144 52.49 -22.18 16.04
CA ASN B 144 51.91 -22.03 14.72
C ASN B 144 50.80 -23.06 14.58
N ALA B 145 50.04 -22.96 13.49
CA ALA B 145 48.94 -23.89 13.26
C ALA B 145 48.44 -23.75 11.84
N VAL B 146 47.77 -24.80 11.35
CA VAL B 146 47.14 -24.79 10.03
C VAL B 146 45.79 -25.50 10.11
N ARG B 147 44.90 -25.13 9.19
CA ARG B 147 43.64 -25.81 8.98
C ARG B 147 43.69 -26.56 7.66
N VAL B 148 43.08 -27.76 7.62
CA VAL B 148 43.20 -28.65 6.47
C VAL B 148 41.82 -29.18 6.09
N TRP B 149 41.49 -29.10 4.81
CA TRP B 149 40.39 -29.84 4.19
C TRP B 149 40.98 -30.75 3.14
N SER B 150 40.69 -32.05 3.23
CA SER B 150 41.22 -32.99 2.25
C SER B 150 40.46 -34.29 2.33
N ASN B 151 40.47 -35.02 1.22
CA ASN B 151 39.88 -36.35 1.15
C ASN B 151 40.91 -37.44 1.38
N ILE B 152 42.15 -37.08 1.71
CA ILE B 152 43.15 -38.08 2.09
C ILE B 152 42.74 -38.71 3.42
N PRO B 153 42.76 -40.05 3.55
CA PRO B 153 42.28 -40.67 4.78
C PRO B 153 43.25 -40.52 5.96
N ALA B 154 43.99 -39.42 5.99
CA ALA B 154 44.94 -39.16 7.07
C ALA B 154 44.22 -38.94 8.39
N LEU B 162 44.21 -32.05 20.96
CA LEU B 162 43.10 -31.25 21.48
C LEU B 162 43.56 -29.82 21.76
N VAL B 163 43.04 -28.87 20.97
CA VAL B 163 43.32 -27.45 21.15
C VAL B 163 42.03 -26.68 20.98
N SER B 164 41.74 -25.79 21.92
CA SER B 164 40.55 -24.94 21.82
C SER B 164 40.80 -23.76 20.88
N GLU B 165 39.73 -23.03 20.57
CA GLU B 165 39.80 -22.00 19.54
C GLU B 165 40.39 -20.69 20.05
N GLU B 166 40.27 -20.41 21.35
CA GLU B 166 40.80 -19.15 21.88
C GLU B 166 42.31 -19.07 21.72
N GLU B 167 43.01 -20.19 21.84
CA GLU B 167 44.44 -20.22 21.57
C GLU B 167 44.75 -19.69 20.19
N LEU B 168 44.09 -20.25 19.17
CA LEU B 168 44.31 -19.80 17.79
C LEU B 168 43.89 -18.35 17.61
N SER B 169 42.82 -17.91 18.29
CA SER B 169 42.36 -16.53 18.15
C SER B 169 43.43 -15.55 18.61
N LEU B 170 43.88 -15.70 19.87
CA LEU B 170 44.91 -14.80 20.38
C LEU B 170 46.23 -14.97 19.62
N LEU B 171 46.54 -16.19 19.18
CA LEU B 171 47.75 -16.41 18.40
C LEU B 171 47.69 -15.66 17.08
N ALA B 172 46.54 -15.66 16.42
CA ALA B 172 46.40 -14.96 15.15
C ALA B 172 46.46 -13.46 15.35
N GLN B 173 45.86 -12.95 16.43
CA GLN B 173 45.97 -11.52 16.68
C GLN B 173 47.41 -11.11 16.99
N ASN B 174 48.18 -11.99 17.64
CA ASN B 174 49.55 -11.63 17.98
C ASN B 174 50.51 -11.76 16.79
N LYS B 175 50.37 -12.83 16.00
CA LYS B 175 51.34 -13.21 14.97
C LYS B 175 51.31 -12.30 13.72
N GLN B 176 50.65 -11.14 13.72
CA GLN B 176 50.67 -10.29 12.52
C GLN B 176 52.05 -9.67 12.31
N SER B 177 52.57 -8.99 13.34
CA SER B 177 53.87 -8.35 13.24
C SER B 177 54.99 -9.33 13.61
N LYS B 183 58.33 -18.47 6.46
CA LYS B 183 57.02 -17.84 6.43
C LYS B 183 55.90 -18.88 6.49
N TRP B 184 55.64 -19.53 5.38
CA TRP B 184 54.57 -20.52 5.30
C TRP B 184 55.06 -21.86 5.83
N PRO B 185 54.45 -22.39 6.90
CA PRO B 185 54.96 -23.64 7.49
C PRO B 185 54.53 -24.89 6.75
N THR B 186 55.37 -25.36 5.82
CA THR B 186 55.13 -26.64 5.17
C THR B 186 55.34 -27.82 6.12
N LYS B 187 56.01 -27.60 7.25
CA LYS B 187 56.28 -28.67 8.20
C LYS B 187 55.00 -29.30 8.71
N LEU B 188 53.95 -28.50 8.89
CA LEU B 188 52.70 -29.01 9.46
C LEU B 188 51.85 -29.72 8.42
N VAL B 189 52.00 -29.35 7.15
CA VAL B 189 51.23 -29.99 6.08
C VAL B 189 51.94 -31.22 5.53
N LYS B 190 53.25 -31.36 5.75
CA LYS B 190 54.02 -32.43 5.14
C LYS B 190 53.46 -33.81 5.50
N ASN B 191 53.18 -34.04 6.78
CA ASN B 191 52.75 -35.36 7.22
C ASN B 191 51.35 -35.73 6.75
N CYS B 192 50.59 -34.77 6.21
CA CYS B 192 49.26 -35.10 5.68
C CYS B 192 49.37 -35.90 4.39
N PHE B 193 50.45 -35.73 3.64
CA PHE B 193 50.65 -36.43 2.37
C PHE B 193 51.11 -37.87 2.57
N LEU B 194 51.19 -38.36 3.81
CA LEU B 194 51.71 -39.71 4.04
C LEU B 194 50.78 -40.80 3.52
N PRO B 195 49.47 -40.80 3.82
CA PRO B 195 48.60 -41.87 3.30
C PRO B 195 48.53 -41.93 1.78
N LEU B 196 49.04 -40.92 1.07
CA LEU B 196 49.12 -40.97 -0.38
C LEU B 196 50.23 -41.88 -0.88
N ARG B 197 51.10 -42.37 0.03
CA ARG B 197 52.17 -43.26 -0.38
C ARG B 197 51.64 -44.60 -0.90
N GLU B 198 50.53 -45.07 -0.33
CA GLU B 198 49.93 -46.35 -0.75
C GLU B 198 49.30 -46.28 -2.13
N TYR B 199 49.40 -45.16 -2.83
CA TYR B 199 48.77 -45.00 -4.13
C TYR B 199 49.72 -44.65 -5.25
N PHE B 200 50.93 -44.18 -4.94
CA PHE B 200 51.87 -43.73 -5.96
C PHE B 200 53.28 -44.19 -5.61
N LYS B 201 54.17 -44.08 -6.59
CA LYS B 201 55.54 -44.57 -6.44
C LYS B 201 56.26 -43.81 -5.33
N TYR B 202 57.17 -44.51 -4.67
CA TYR B 202 57.95 -43.97 -3.55
C TYR B 202 59.42 -44.00 -3.96
N PHE B 203 59.91 -42.89 -4.47
CA PHE B 203 61.31 -42.80 -4.89
C PHE B 203 62.23 -42.87 -3.69
N SER B 204 63.46 -43.33 -3.94
CA SER B 204 64.46 -43.45 -2.88
C SER B 204 64.92 -42.08 -2.41
N MET C 3 -39.11 41.32 -3.30
CA MET C 3 -39.61 42.56 -2.71
C MET C 3 -41.12 42.64 -2.86
N PHE C 4 -41.80 42.98 -1.76
CA PHE C 4 -43.26 43.00 -1.74
C PHE C 4 -43.81 44.38 -2.07
N GLU C 5 -44.97 44.38 -2.71
CA GLU C 5 -45.71 45.61 -2.91
C GLU C 5 -46.33 46.07 -1.59
N THR C 6 -46.52 47.38 -1.46
CA THR C 6 -47.18 47.92 -0.29
C THR C 6 -48.68 47.84 -0.46
N VAL C 7 -49.38 47.55 0.64
CA VAL C 7 -50.82 47.32 0.61
C VAL C 7 -51.55 48.60 0.99
N PRO C 8 -52.68 48.91 0.33
CA PRO C 8 -53.49 50.05 0.77
C PRO C 8 -53.85 49.95 2.25
N VAL C 9 -54.03 51.12 2.87
CA VAL C 9 -54.14 51.20 4.33
C VAL C 9 -55.40 50.52 4.84
N TRP C 10 -56.49 50.56 4.07
CA TRP C 10 -57.74 49.95 4.53
C TRP C 10 -57.71 48.43 4.48
N ARG C 11 -56.85 47.85 3.63
CA ARG C 11 -56.73 46.41 3.51
C ARG C 11 -55.73 45.81 4.51
N ARG C 12 -55.01 46.64 5.25
CA ARG C 12 -54.01 46.13 6.19
C ARG C 12 -54.69 45.35 7.31
N GLN C 13 -53.98 44.34 7.82
CA GLN C 13 -54.53 43.34 8.71
C GLN C 13 -53.75 43.31 10.02
N PRO C 14 -54.32 42.70 11.07
CA PRO C 14 -53.54 42.47 12.30
C PRO C 14 -52.48 41.41 12.06
N VAL C 15 -51.22 41.78 12.33
CA VAL C 15 -50.11 40.87 12.05
C VAL C 15 -50.14 39.68 13.00
N ARG C 16 -49.68 38.54 12.51
CA ARG C 16 -49.44 37.36 13.33
C ARG C 16 -47.94 37.08 13.36
N VAL C 17 -47.39 36.94 14.56
CA VAL C 17 -45.95 36.82 14.73
C VAL C 17 -45.63 35.56 15.54
N LEU C 18 -44.49 34.95 15.20
CA LEU C 18 -43.95 33.81 15.93
C LEU C 18 -42.63 34.25 16.56
N SER C 19 -42.62 34.39 17.89
CA SER C 19 -41.46 34.83 18.63
C SER C 19 -40.81 33.60 19.29
N LEU C 20 -39.67 33.18 18.75
CA LEU C 20 -38.92 32.08 19.31
C LEU C 20 -37.92 32.58 20.34
N PHE C 21 -37.71 31.77 21.38
CA PHE C 21 -36.77 32.06 22.45
C PHE C 21 -37.14 33.33 23.20
N GLU C 22 -36.76 34.49 22.67
CA GLU C 22 -37.07 35.75 23.32
C GLU C 22 -38.46 36.24 22.96
N ASP C 23 -39.11 36.88 23.92
CA ASP C 23 -40.46 37.41 23.74
C ASP C 23 -40.41 38.90 23.50
N ILE C 24 -41.26 39.37 22.59
CA ILE C 24 -41.37 40.80 22.30
C ILE C 24 -42.85 41.18 22.28
N LYS C 25 -43.66 40.50 23.08
CA LYS C 25 -45.11 40.67 23.08
C LYS C 25 -45.49 42.13 23.33
N LYS C 26 -45.39 42.59 24.58
CA LYS C 26 -45.66 43.99 24.88
C LYS C 26 -44.65 44.89 24.17
N GLU C 27 -43.43 44.41 23.96
CA GLU C 27 -42.44 45.17 23.20
C GLU C 27 -42.94 45.47 21.80
N LEU C 28 -43.69 44.55 21.19
CA LEU C 28 -44.27 44.80 19.87
C LEU C 28 -45.59 45.53 19.94
N THR C 29 -46.35 45.38 21.03
CA THR C 29 -47.51 46.25 21.22
C THR C 29 -47.10 47.72 21.29
N SER C 30 -45.90 47.98 21.81
CA SER C 30 -45.41 49.36 21.91
C SER C 30 -45.29 50.05 20.57
N LEU C 31 -45.41 49.33 19.45
CA LEU C 31 -45.42 49.96 18.14
C LEU C 31 -46.77 49.87 17.45
N GLY C 32 -47.74 49.18 18.03
CA GLY C 32 -49.09 49.13 17.50
C GLY C 32 -49.44 47.91 16.67
N PHE C 33 -48.57 46.90 16.62
CA PHE C 33 -48.86 45.72 15.82
C PHE C 33 -49.80 44.77 16.54
N LEU C 34 -49.73 44.69 17.86
CA LEU C 34 -50.72 43.97 18.65
C LEU C 34 -51.67 44.95 19.33
N GLU C 35 -52.80 44.42 19.79
CA GLU C 35 -53.81 45.22 20.48
C GLU C 35 -53.99 44.69 21.89
N SER C 36 -54.16 45.61 22.84
CA SER C 36 -54.37 45.24 24.23
C SER C 36 -55.82 44.78 24.43
N GLY C 37 -55.98 43.69 25.17
CA GLY C 37 -57.30 43.15 25.44
C GLY C 37 -57.52 41.77 24.88
N SER C 38 -56.92 41.48 23.73
CA SER C 38 -57.06 40.18 23.09
C SER C 38 -56.03 39.22 23.71
N ASP C 39 -56.44 38.53 24.76
CA ASP C 39 -55.60 37.51 25.38
C ASP C 39 -55.39 36.34 24.42
N PRO C 40 -56.42 35.90 23.66
CA PRO C 40 -56.14 35.04 22.49
C PRO C 40 -55.56 35.89 21.36
N GLY C 41 -54.38 36.46 21.60
CA GLY C 41 -53.82 37.47 20.73
C GLY C 41 -53.19 36.90 19.47
N GLN C 42 -52.30 37.70 18.89
CA GLN C 42 -51.69 37.41 17.60
C GLN C 42 -50.20 37.11 17.71
N LEU C 43 -49.71 36.85 18.93
CA LEU C 43 -48.31 36.50 19.15
C LEU C 43 -48.23 35.14 19.82
N LYS C 44 -47.46 34.23 19.23
CA LYS C 44 -47.19 32.92 19.80
C LYS C 44 -45.75 32.87 20.28
N HIS C 45 -45.56 32.52 21.55
CA HIS C 45 -44.25 32.51 22.17
C HIS C 45 -43.91 31.10 22.64
N VAL C 46 -42.72 30.62 22.27
CA VAL C 46 -42.24 29.30 22.67
C VAL C 46 -40.75 29.39 22.95
N VAL C 47 -40.26 28.48 23.79
CA VAL C 47 -38.86 28.47 24.19
C VAL C 47 -38.23 27.12 23.92
N ASP C 48 -38.84 26.04 24.41
CA ASP C 48 -38.32 24.69 24.22
C ASP C 48 -38.87 24.14 22.91
N VAL C 49 -38.17 24.44 21.82
CA VAL C 49 -38.63 24.09 20.49
C VAL C 49 -38.03 22.75 20.06
N THR C 50 -37.39 22.06 21.00
CA THR C 50 -36.72 20.81 20.66
C THR C 50 -37.69 19.74 20.18
N ASP C 51 -38.91 19.73 20.71
CA ASP C 51 -39.89 18.70 20.41
C ASP C 51 -41.09 19.24 19.64
N THR C 52 -40.94 20.39 18.98
CA THR C 52 -42.01 20.98 18.20
C THR C 52 -41.91 20.50 16.76
N VAL C 53 -42.97 19.88 16.26
CA VAL C 53 -43.01 19.32 14.92
C VAL C 53 -43.65 20.34 14.00
N ARG C 54 -43.47 20.15 12.68
CA ARG C 54 -44.05 21.06 11.69
C ARG C 54 -45.57 21.21 11.89
N LYS C 55 -46.26 20.14 12.26
CA LYS C 55 -47.70 20.25 12.49
C LYS C 55 -48.01 21.17 13.66
N ASP C 56 -47.13 21.23 14.66
CA ASP C 56 -47.31 22.17 15.75
C ASP C 56 -47.31 23.62 15.24
N VAL C 57 -46.33 23.95 14.40
CA VAL C 57 -46.24 25.30 13.85
C VAL C 57 -47.43 25.58 12.95
N GLU C 58 -47.86 24.57 12.18
CA GLU C 58 -48.97 24.76 11.27
C GLU C 58 -50.28 24.98 12.01
N GLU C 59 -50.46 24.31 13.15
CA GLU C 59 -51.67 24.50 13.95
C GLU C 59 -51.67 25.87 14.64
N TRP C 60 -50.50 26.40 14.98
CA TRP C 60 -50.40 27.73 15.56
C TRP C 60 -50.50 28.84 14.52
N GLY C 61 -50.47 28.51 13.23
CA GLY C 61 -50.43 29.50 12.20
C GLY C 61 -51.79 29.85 11.65
N PRO C 62 -51.83 30.58 10.51
CA PRO C 62 -50.67 31.11 9.78
C PRO C 62 -49.93 32.22 10.52
N PHE C 63 -48.76 32.60 10.01
CA PHE C 63 -47.96 33.66 10.60
C PHE C 63 -47.51 34.62 9.49
N ASP C 64 -47.20 35.84 9.89
CA ASP C 64 -46.68 36.85 8.98
C ASP C 64 -45.26 37.30 9.34
N LEU C 65 -44.80 37.06 10.56
CA LEU C 65 -43.46 37.38 10.98
C LEU C 65 -42.95 36.29 11.91
N VAL C 66 -41.70 35.88 11.69
CA VAL C 66 -41.04 34.90 12.56
C VAL C 66 -39.80 35.56 13.13
N TYR C 67 -39.72 35.62 14.46
CA TYR C 67 -38.65 36.33 15.15
C TYR C 67 -37.87 35.35 16.01
N GLY C 68 -36.55 35.39 15.89
CA GLY C 68 -35.68 34.62 16.75
C GLY C 68 -34.55 35.48 17.26
N ALA C 69 -34.09 35.16 18.46
CA ALA C 69 -33.09 35.98 19.12
C ALA C 69 -32.20 35.12 20.01
N THR C 70 -30.92 35.47 20.05
CA THR C 70 -30.00 34.84 20.97
C THR C 70 -30.23 35.36 22.38
N PRO C 71 -29.85 34.59 23.39
CA PRO C 71 -30.00 35.06 24.78
C PRO C 71 -29.18 36.32 25.03
N PRO C 72 -29.52 37.09 26.05
CA PRO C 72 -28.74 38.31 26.34
C PRO C 72 -27.32 37.98 26.75
N LEU C 73 -26.38 38.79 26.28
CA LEU C 73 -24.97 38.58 26.56
C LEU C 73 -24.72 38.77 28.06
N GLY C 74 -24.07 37.78 28.68
CA GLY C 74 -23.85 37.75 30.11
C GLY C 74 -24.54 36.59 30.79
N HIS C 75 -25.65 36.11 30.23
CA HIS C 75 -26.33 34.93 30.73
C HIS C 75 -25.60 33.69 30.19
N THR C 76 -24.96 32.94 31.09
CA THR C 76 -24.23 31.75 30.69
C THR C 76 -25.17 30.75 30.04
N CYS C 77 -24.96 30.48 28.76
CA CYS C 77 -25.91 29.69 27.98
C CYS C 77 -25.83 28.22 28.36
N ASP C 78 -27.00 27.63 28.64
CA ASP C 78 -27.08 26.20 28.86
C ASP C 78 -27.03 25.43 27.55
N ARG C 79 -27.43 26.05 26.44
CA ARG C 79 -27.41 25.47 25.11
C ARG C 79 -26.35 26.16 24.25
N PRO C 80 -25.77 25.46 23.29
CA PRO C 80 -24.76 26.09 22.45
C PRO C 80 -25.37 27.21 21.64
N PRO C 81 -24.58 28.23 21.29
CA PRO C 81 -25.14 29.40 20.59
C PRO C 81 -25.73 29.07 19.23
N SER C 82 -25.20 28.08 18.52
CA SER C 82 -25.69 27.75 17.18
C SER C 82 -27.03 27.04 17.21
N TRP C 83 -27.40 26.46 18.36
CA TRP C 83 -28.67 25.76 18.47
C TRP C 83 -29.85 26.69 18.18
N TYR C 84 -29.77 27.92 18.68
CA TYR C 84 -30.82 28.90 18.43
C TYR C 84 -30.98 29.18 16.94
N LEU C 85 -29.86 29.39 16.25
CA LEU C 85 -29.90 29.66 14.82
C LEU C 85 -30.50 28.48 14.06
N PHE C 86 -30.04 27.26 14.36
CA PHE C 86 -30.52 26.11 13.61
C PHE C 86 -32.01 25.86 13.86
N GLN C 87 -32.46 25.98 15.10
CA GLN C 87 -33.88 25.77 15.39
C GLN C 87 -34.73 26.89 14.79
N PHE C 88 -34.21 28.12 14.78
CA PHE C 88 -34.91 29.20 14.11
C PHE C 88 -35.08 28.90 12.63
N HIS C 89 -34.02 28.44 11.97
CA HIS C 89 -34.11 28.08 10.56
C HIS C 89 -35.13 26.98 10.35
N ARG C 90 -35.12 25.95 11.19
CA ARG C 90 -36.06 24.84 11.06
C ARG C 90 -37.51 25.32 11.15
N LEU C 91 -37.83 26.04 12.23
CA LEU C 91 -39.21 26.49 12.40
C LEU C 91 -39.60 27.54 11.36
N LEU C 92 -38.65 28.32 10.87
CA LEU C 92 -38.95 29.27 9.80
C LEU C 92 -39.37 28.54 8.53
N GLN C 93 -38.59 27.53 8.12
CA GLN C 93 -39.00 26.73 6.96
C GLN C 93 -40.33 26.04 7.22
N TYR C 94 -40.61 25.66 8.47
CA TYR C 94 -41.93 25.13 8.79
C TYR C 94 -43.01 26.19 8.59
N ALA C 95 -42.69 27.47 8.79
CA ALA C 95 -43.69 28.53 8.81
C ALA C 95 -43.82 29.28 7.48
N ARG C 96 -42.94 29.03 6.52
CA ARG C 96 -43.05 29.73 5.25
C ARG C 96 -44.34 29.33 4.53
N PRO C 97 -44.99 30.25 3.83
CA PRO C 97 -46.18 29.88 3.07
C PRO C 97 -45.81 29.00 1.87
N LYS C 98 -46.78 28.21 1.43
CA LYS C 98 -46.56 27.37 0.26
C LYS C 98 -46.37 28.24 -0.97
N PRO C 99 -45.60 27.78 -1.95
CA PRO C 99 -45.34 28.61 -3.14
C PRO C 99 -46.60 28.95 -3.93
N GLY C 100 -47.68 28.20 -3.78
CA GLY C 100 -48.90 28.47 -4.50
C GLY C 100 -49.82 29.44 -3.78
N SER C 101 -49.26 30.24 -2.86
CA SER C 101 -50.02 31.26 -2.16
C SER C 101 -49.10 32.37 -1.66
N PRO C 102 -48.50 33.16 -2.56
CA PRO C 102 -47.55 34.19 -2.12
C PRO C 102 -48.26 35.33 -1.42
N ARG C 103 -47.81 35.64 -0.20
CA ARG C 103 -48.34 36.75 0.58
C ARG C 103 -47.19 37.34 1.37
N PRO C 104 -47.34 38.58 1.86
CA PRO C 104 -46.28 39.18 2.67
C PRO C 104 -45.87 38.30 3.85
N PHE C 105 -44.58 38.02 3.94
CA PHE C 105 -44.03 37.15 4.98
C PHE C 105 -42.62 37.61 5.27
N PHE C 106 -42.31 37.82 6.55
CA PHE C 106 -41.03 38.35 6.97
C PHE C 106 -40.46 37.52 8.10
N TRP C 107 -39.12 37.54 8.22
CA TRP C 107 -38.42 36.84 9.28
C TRP C 107 -37.29 37.74 9.77
N MET C 108 -36.89 37.53 11.02
CA MET C 108 -35.74 38.26 11.56
C MET C 108 -35.09 37.44 12.66
N PHE C 109 -33.76 37.33 12.58
CA PHE C 109 -32.95 36.70 13.61
C PHE C 109 -31.95 37.73 14.11
N VAL C 110 -31.98 38.02 15.41
CA VAL C 110 -31.06 38.97 16.00
C VAL C 110 -30.13 38.23 16.95
N ASP C 111 -28.92 38.78 17.10
CA ASP C 111 -27.86 38.19 17.89
C ASP C 111 -27.28 39.24 18.82
N ASN C 112 -27.16 38.90 20.10
CA ASN C 112 -26.60 39.79 21.12
C ASN C 112 -25.11 39.54 21.33
N LEU C 113 -24.35 39.35 20.26
CA LEU C 113 -22.92 39.09 20.31
C LEU C 113 -22.61 37.83 21.13
N VAL C 114 -23.36 36.76 20.85
CA VAL C 114 -23.09 35.45 21.43
C VAL C 114 -22.44 34.51 20.42
N LEU C 115 -22.50 34.85 19.12
CA LEU C 115 -21.93 34.04 18.07
C LEU C 115 -20.51 34.50 17.74
N ASN C 116 -19.61 33.55 17.54
CA ASN C 116 -18.25 33.84 17.13
C ASN C 116 -18.17 33.93 15.61
N LYS C 117 -16.95 33.95 15.07
CA LYS C 117 -16.77 34.18 13.64
C LYS C 117 -17.35 33.01 12.82
N GLU C 118 -17.04 31.77 13.22
CA GLU C 118 -17.58 30.63 12.49
C GLU C 118 -19.10 30.54 12.63
N ASP C 119 -19.63 30.88 13.82
CA ASP C 119 -21.07 30.92 13.99
C ASP C 119 -21.70 32.01 13.13
N LEU C 120 -21.05 33.18 13.05
CA LEU C 120 -21.51 34.23 12.15
C LEU C 120 -21.55 33.75 10.71
N ASP C 121 -20.52 33.02 10.28
CA ASP C 121 -20.47 32.53 8.90
C ASP C 121 -21.57 31.51 8.64
N VAL C 122 -21.81 30.62 9.61
CA VAL C 122 -22.90 29.65 9.46
C VAL C 122 -24.24 30.37 9.35
N ALA C 123 -24.46 31.37 10.21
CA ALA C 123 -25.73 32.10 10.17
C ALA C 123 -25.90 32.86 8.86
N SER C 124 -24.81 33.44 8.35
CA SER C 124 -24.89 34.16 7.08
C SER C 124 -25.10 33.22 5.91
N ARG C 125 -24.63 31.97 6.02
CA ARG C 125 -24.87 30.99 4.97
C ARG C 125 -26.33 30.54 4.98
N PHE C 126 -26.86 30.22 6.17
CA PHE C 126 -28.21 29.70 6.24
C PHE C 126 -29.25 30.77 5.94
N LEU C 127 -29.05 31.98 6.45
CA LEU C 127 -29.98 33.08 6.24
C LEU C 127 -29.70 33.86 4.96
N GLU C 128 -28.70 33.44 4.18
CA GLU C 128 -28.49 33.93 2.81
C GLU C 128 -28.21 35.43 2.76
N MET C 129 -27.65 36.00 3.81
CA MET C 129 -27.31 37.41 3.82
C MET C 129 -26.31 37.68 4.94
N GLU C 130 -25.49 38.71 4.74
CA GLU C 130 -24.62 39.17 5.80
C GLU C 130 -25.42 39.94 6.84
N PRO C 131 -25.01 39.89 8.10
CA PRO C 131 -25.77 40.59 9.16
C PRO C 131 -25.62 42.10 9.03
N VAL C 132 -26.42 42.79 9.83
CA VAL C 132 -26.36 44.25 9.95
C VAL C 132 -26.25 44.59 11.43
N THR C 133 -25.26 45.41 11.78
CA THR C 133 -24.97 45.74 13.16
C THR C 133 -25.63 47.06 13.55
N ILE C 134 -26.13 47.12 14.79
CA ILE C 134 -26.75 48.31 15.34
C ILE C 134 -26.05 48.63 16.66
N PRO C 135 -25.46 49.82 16.81
CA PRO C 135 -24.70 50.13 18.03
C PRO C 135 -25.45 51.03 19.00
N ASP C 136 -24.76 51.45 20.07
CA ASP C 136 -25.36 52.29 21.10
C ASP C 136 -24.24 53.03 21.82
N VAL C 137 -24.30 54.36 21.82
CA VAL C 137 -23.30 55.18 22.50
C VAL C 137 -23.94 55.96 23.64
N GLN C 143 -22.45 51.10 26.45
CA GLN C 143 -22.38 50.72 25.04
C GLN C 143 -22.91 49.30 24.81
N ASN C 144 -23.83 49.17 23.86
CA ASN C 144 -24.42 47.89 23.50
C ASN C 144 -24.61 47.85 21.99
N ALA C 145 -24.83 46.64 21.47
CA ALA C 145 -24.97 46.47 20.03
C ALA C 145 -25.63 45.13 19.75
N VAL C 146 -26.22 45.01 18.55
CA VAL C 146 -26.84 43.77 18.10
C VAL C 146 -26.53 43.54 16.63
N ARG C 147 -26.67 42.29 16.21
CA ARG C 147 -26.63 41.92 14.80
C ARG C 147 -28.00 41.44 14.36
N VAL C 148 -28.36 41.71 13.12
CA VAL C 148 -29.70 41.43 12.61
C VAL C 148 -29.61 40.87 11.20
N TRP C 149 -30.25 39.72 10.97
CA TRP C 149 -30.56 39.22 9.65
C TRP C 149 -32.07 39.32 9.46
N SER C 150 -32.51 39.91 8.35
CA SER C 150 -33.94 40.04 8.11
C SER C 150 -34.19 40.39 6.66
N ASN C 151 -35.34 39.94 6.16
CA ASN C 151 -35.82 40.32 4.85
C ASN C 151 -36.68 41.59 4.88
N ILE C 152 -36.71 42.28 6.01
CA ILE C 152 -37.43 43.55 6.11
C ILE C 152 -36.54 44.65 5.56
N PRO C 153 -37.03 45.46 4.61
CA PRO C 153 -36.19 46.52 4.04
C PRO C 153 -35.83 47.60 5.05
N ALA C 154 -34.59 47.58 5.53
CA ALA C 154 -34.17 48.52 6.55
C ALA C 154 -33.85 49.88 5.94
N ILE C 155 -33.79 50.90 6.79
CA ILE C 155 -33.50 52.26 6.36
C ILE C 155 -32.00 52.43 6.13
N ALA C 161 -24.40 53.67 12.21
CA ALA C 161 -23.71 54.10 10.99
C ALA C 161 -22.47 53.26 10.74
N LEU C 162 -21.30 53.84 10.99
CA LEU C 162 -20.01 53.18 10.73
C LEU C 162 -19.34 52.85 12.06
N VAL C 163 -19.14 51.56 12.31
CA VAL C 163 -18.44 51.08 13.50
C VAL C 163 -17.50 49.94 13.07
N SER C 164 -16.30 49.93 13.64
CA SER C 164 -15.36 48.85 13.36
C SER C 164 -15.62 47.66 14.28
N GLU C 165 -14.92 46.56 14.01
CA GLU C 165 -15.21 45.30 14.69
C GLU C 165 -14.49 45.18 16.03
N GLU C 166 -13.33 45.81 16.18
CA GLU C 166 -12.57 45.68 17.42
C GLU C 166 -13.32 46.28 18.61
N GLU C 167 -14.17 47.29 18.37
CA GLU C 167 -15.02 47.82 19.42
C GLU C 167 -15.91 46.72 20.01
N LEU C 168 -16.61 46.00 19.13
CA LEU C 168 -17.45 44.89 19.59
C LEU C 168 -16.60 43.79 20.23
N SER C 169 -15.42 43.53 19.65
CA SER C 169 -14.57 42.46 20.17
C SER C 169 -14.15 42.73 21.61
N LEU C 170 -13.72 43.97 21.90
CA LEU C 170 -13.32 44.32 23.25
C LEU C 170 -14.52 44.58 24.16
N LEU C 171 -15.68 44.94 23.61
CA LEU C 171 -16.88 45.07 24.43
C LEU C 171 -17.36 43.72 24.92
N ALA C 172 -17.19 42.67 24.10
CA ALA C 172 -17.56 41.33 24.54
C ALA C 172 -16.69 40.85 25.70
N GLN C 173 -15.45 41.32 25.79
CA GLN C 173 -14.55 40.92 26.87
C GLN C 173 -15.02 41.45 28.22
N ASN C 174 -15.79 42.55 28.24
CA ASN C 174 -16.25 43.14 29.49
C ASN C 174 -17.06 42.15 30.30
N LYS C 175 -18.23 41.75 29.80
CA LYS C 175 -19.06 40.75 30.47
C LYS C 175 -19.80 39.89 29.46
N PRO C 185 -32.29 43.77 25.67
CA PRO C 185 -31.80 44.87 24.83
C PRO C 185 -32.69 45.13 23.62
N THR C 186 -34.01 45.17 23.86
CA THR C 186 -34.97 45.37 22.79
C THR C 186 -35.01 46.81 22.29
N LYS C 187 -34.17 47.70 22.83
CA LYS C 187 -34.16 49.09 22.38
C LYS C 187 -33.69 49.20 20.94
N LEU C 188 -32.68 48.42 20.56
CA LEU C 188 -32.13 48.47 19.21
C LEU C 188 -32.94 47.65 18.21
N VAL C 189 -33.91 46.88 18.67
CA VAL C 189 -34.63 45.96 17.79
C VAL C 189 -35.88 46.60 17.21
N LYS C 190 -36.61 47.38 18.02
CA LYS C 190 -37.89 47.93 17.57
C LYS C 190 -37.75 48.87 16.38
N ASN C 191 -36.59 49.49 16.19
CA ASN C 191 -36.39 50.36 15.05
C ASN C 191 -36.37 49.60 13.73
N CYS C 192 -36.03 48.31 13.76
CA CYS C 192 -36.07 47.49 12.56
C CYS C 192 -37.50 47.13 12.16
N PHE C 193 -38.42 47.10 13.12
CA PHE C 193 -39.82 46.76 12.86
C PHE C 193 -40.59 47.88 12.17
N LEU C 194 -39.98 49.04 11.95
CA LEU C 194 -40.71 50.18 11.40
C LEU C 194 -41.25 49.92 9.99
N PRO C 195 -40.43 49.49 9.01
CA PRO C 195 -40.95 49.38 7.64
C PRO C 195 -42.05 48.33 7.48
N LEU C 196 -42.36 47.60 8.54
CA LEU C 196 -43.49 46.67 8.50
C LEU C 196 -44.83 47.37 8.61
N ARG C 197 -44.86 48.62 9.07
CA ARG C 197 -46.12 49.34 9.24
C ARG C 197 -46.88 49.45 7.93
N GLU C 198 -46.18 49.50 6.80
CA GLU C 198 -46.83 49.58 5.50
C GLU C 198 -47.55 48.30 5.10
N TYR C 199 -47.58 47.28 5.96
CA TYR C 199 -48.22 46.02 5.62
C TYR C 199 -49.30 45.56 6.59
N PHE C 200 -49.36 46.14 7.80
CA PHE C 200 -50.30 45.66 8.81
C PHE C 200 -50.91 46.84 9.53
N LYS C 201 -51.95 46.56 10.31
CA LYS C 201 -52.71 47.59 10.99
C LYS C 201 -51.84 48.35 11.99
N TYR C 202 -52.23 49.59 12.26
CA TYR C 202 -51.50 50.50 13.15
C TYR C 202 -52.46 50.83 14.29
N PHE C 203 -52.43 50.01 15.34
CA PHE C 203 -53.32 50.19 16.48
C PHE C 203 -52.87 51.40 17.31
N SER C 204 -53.56 51.59 18.44
CA SER C 204 -53.28 52.69 19.36
C SER C 204 -53.35 54.05 18.65
N MET D 1 -42.75 9.39 -17.89
CA MET D 1 -42.71 8.82 -19.24
C MET D 1 -41.61 7.78 -19.35
N ARG D 2 -40.39 8.22 -19.62
CA ARG D 2 -39.25 7.34 -19.82
C ARG D 2 -38.28 7.46 -18.66
N ARG D 3 -37.72 6.33 -18.25
CA ARG D 3 -36.71 6.32 -17.20
C ARG D 3 -35.45 7.04 -17.68
N ARG D 4 -34.92 7.93 -16.85
CA ARG D 4 -33.71 8.66 -17.13
C ARG D 4 -32.61 8.27 -16.16
N PRO D 5 -31.34 8.52 -16.51
CA PRO D 5 -30.26 8.23 -15.56
C PRO D 5 -30.40 9.05 -14.29
N ILE D 6 -29.97 8.46 -13.18
CA ILE D 6 -30.12 9.11 -11.88
C ILE D 6 -29.06 10.19 -11.72
N ARG D 7 -29.45 11.28 -11.07
CA ARG D 7 -28.56 12.39 -10.76
C ARG D 7 -28.42 12.47 -9.24
N VAL D 8 -27.18 12.38 -8.76
CA VAL D 8 -26.91 12.16 -7.35
C VAL D 8 -26.05 13.30 -6.82
N LEU D 9 -26.42 13.81 -5.66
CA LEU D 9 -25.60 14.72 -4.87
C LEU D 9 -25.18 14.00 -3.60
N SER D 10 -23.88 13.75 -3.44
CA SER D 10 -23.34 13.02 -2.32
C SER D 10 -22.51 13.96 -1.46
N LEU D 11 -22.91 14.12 -0.20
CA LEU D 11 -22.21 14.97 0.75
C LEU D 11 -21.46 14.11 1.76
N PHE D 12 -20.20 14.47 1.99
CA PHE D 12 -19.24 13.65 2.73
C PHE D 12 -19.10 12.29 2.04
N ASP D 13 -18.68 12.37 0.77
CA ASP D 13 -18.75 11.23 -0.13
C ASP D 13 -17.77 10.13 0.24
N GLY D 14 -16.67 10.48 0.90
CA GLY D 14 -15.68 9.47 1.25
C GLY D 14 -15.02 8.90 0.01
N ILE D 15 -14.97 7.57 -0.08
CA ILE D 15 -14.33 6.90 -1.20
C ILE D 15 -15.39 6.50 -2.23
N ALA D 16 -16.46 7.30 -2.32
CA ALA D 16 -17.46 7.17 -3.38
C ALA D 16 -18.18 5.82 -3.32
N THR D 17 -18.54 5.39 -2.10
CA THR D 17 -19.30 4.16 -1.95
C THR D 17 -20.65 4.25 -2.65
N GLY D 18 -21.27 5.43 -2.64
CA GLY D 18 -22.56 5.59 -3.28
C GLY D 18 -22.50 5.35 -4.78
N TYR D 19 -21.54 5.99 -5.45
CA TYR D 19 -21.39 5.79 -6.89
C TYR D 19 -21.08 4.33 -7.21
N LEU D 20 -20.22 3.70 -6.40
CA LEU D 20 -19.89 2.30 -6.64
C LEU D 20 -21.12 1.41 -6.51
N VAL D 21 -21.94 1.65 -5.49
CA VAL D 21 -23.15 0.85 -5.31
C VAL D 21 -24.12 1.07 -6.45
N LEU D 22 -24.29 2.33 -6.89
CA LEU D 22 -25.21 2.61 -7.98
C LEU D 22 -24.75 1.96 -9.28
N LYS D 23 -23.43 1.98 -9.55
CA LYS D 23 -22.93 1.35 -10.76
C LYS D 23 -23.03 -0.16 -10.69
N GLU D 24 -22.78 -0.74 -9.51
CA GLU D 24 -22.88 -2.20 -9.37
C GLU D 24 -24.32 -2.69 -9.43
N LEU D 25 -25.29 -1.84 -9.11
CA LEU D 25 -26.69 -2.20 -9.26
C LEU D 25 -27.18 -2.13 -10.70
N GLY D 26 -26.35 -1.65 -11.62
CA GLY D 26 -26.74 -1.50 -13.01
C GLY D 26 -27.45 -0.22 -13.35
N ILE D 27 -27.57 0.71 -12.39
CA ILE D 27 -28.28 1.96 -12.63
C ILE D 27 -27.40 2.92 -13.41
N LYS D 28 -27.96 3.54 -14.45
CA LYS D 28 -27.24 4.56 -15.19
C LYS D 28 -27.11 5.81 -14.35
N VAL D 29 -25.89 6.34 -14.25
CA VAL D 29 -25.60 7.52 -13.45
C VAL D 29 -25.31 8.67 -14.42
N GLY D 30 -26.23 9.62 -14.50
CA GLY D 30 -26.05 10.75 -15.39
C GLY D 30 -25.14 11.81 -14.83
N LYS D 31 -25.19 12.01 -13.52
CA LYS D 31 -24.34 12.99 -12.85
C LYS D 31 -24.16 12.59 -11.39
N TYR D 32 -22.93 12.71 -10.90
CA TYR D 32 -22.60 12.39 -9.51
C TYR D 32 -21.75 13.52 -8.96
N VAL D 33 -22.39 14.45 -8.25
CA VAL D 33 -21.71 15.58 -7.64
C VAL D 33 -21.35 15.19 -6.20
N ALA D 34 -20.05 15.23 -5.88
CA ALA D 34 -19.55 14.77 -4.60
C ALA D 34 -18.84 15.91 -3.88
N SER D 35 -19.20 16.10 -2.61
CA SER D 35 -18.51 17.05 -1.74
C SER D 35 -17.61 16.28 -0.79
N GLU D 36 -16.31 16.55 -0.85
CA GLU D 36 -15.35 15.80 -0.06
C GLU D 36 -14.07 16.62 0.08
N VAL D 37 -13.43 16.50 1.23
CA VAL D 37 -12.26 17.30 1.56
C VAL D 37 -10.97 16.48 1.50
N CYS D 38 -11.00 15.26 2.02
CA CYS D 38 -9.79 14.44 2.11
C CYS D 38 -9.23 14.15 0.72
N GLU D 39 -7.99 14.57 0.48
CA GLU D 39 -7.40 14.41 -0.84
C GLU D 39 -7.21 12.95 -1.21
N GLU D 40 -6.90 12.09 -0.24
CA GLU D 40 -6.74 10.67 -0.52
C GLU D 40 -8.06 10.04 -0.97
N SER D 41 -9.17 10.41 -0.32
CA SER D 41 -10.47 9.91 -0.72
C SER D 41 -10.83 10.37 -2.12
N ILE D 42 -10.59 11.65 -2.42
CA ILE D 42 -10.87 12.18 -3.75
C ILE D 42 -10.02 11.47 -4.79
N ALA D 43 -8.76 11.17 -4.45
CA ALA D 43 -7.91 10.42 -5.37
C ALA D 43 -8.46 9.03 -5.63
N VAL D 44 -8.89 8.34 -4.57
CA VAL D 44 -9.48 7.01 -4.72
C VAL D 44 -10.67 7.07 -5.66
N GLY D 45 -11.61 7.99 -5.39
CA GLY D 45 -12.79 8.10 -6.24
C GLY D 45 -12.45 8.44 -7.68
N THR D 46 -11.55 9.40 -7.87
CA THR D 46 -11.18 9.83 -9.22
C THR D 46 -10.58 8.69 -10.02
N VAL D 47 -9.61 7.98 -9.43
CA VAL D 47 -8.94 6.91 -10.16
C VAL D 47 -9.89 5.74 -10.40
N LYS D 48 -10.63 5.31 -9.38
CA LYS D 48 -11.47 4.14 -9.52
C LYS D 48 -12.68 4.38 -10.40
N HIS D 49 -13.10 5.63 -10.59
CA HIS D 49 -14.27 5.92 -11.41
C HIS D 49 -13.96 6.82 -12.60
N GLU D 50 -12.68 7.07 -12.89
CA GLU D 50 -12.23 7.62 -14.17
C GLU D 50 -12.86 8.98 -14.45
N GLY D 51 -13.02 9.79 -13.41
CA GLY D 51 -13.49 11.15 -13.59
C GLY D 51 -14.98 11.31 -13.81
N ASN D 52 -15.77 10.26 -13.61
CA ASN D 52 -17.22 10.39 -13.71
C ASN D 52 -17.82 11.16 -12.53
N ILE D 53 -17.01 11.49 -11.53
CA ILE D 53 -17.48 12.17 -10.33
C ILE D 53 -17.04 13.63 -10.40
N LYS D 54 -17.99 14.54 -10.24
CA LYS D 54 -17.70 15.96 -10.20
C LYS D 54 -17.49 16.36 -8.75
N TYR D 55 -16.24 16.62 -8.37
CA TYR D 55 -15.90 16.98 -7.01
C TYR D 55 -16.01 18.49 -6.84
N VAL D 56 -16.60 18.90 -5.70
CA VAL D 56 -16.89 20.31 -5.46
C VAL D 56 -16.34 20.76 -4.11
N ASN D 57 -15.45 19.97 -3.54
CA ASN D 57 -14.65 20.35 -2.35
C ASN D 57 -15.61 20.55 -1.16
N ASP D 58 -15.41 21.58 -0.34
CA ASP D 58 -16.07 21.68 0.96
C ASP D 58 -17.58 21.85 0.78
N VAL D 59 -18.34 21.24 1.70
CA VAL D 59 -19.79 21.29 1.64
C VAL D 59 -20.30 22.70 1.97
N ARG D 60 -19.58 23.42 2.83
CA ARG D 60 -20.03 24.74 3.26
C ARG D 60 -19.79 25.84 2.24
N ASN D 61 -19.06 25.54 1.16
CA ASN D 61 -18.88 26.48 0.06
C ASN D 61 -19.88 26.24 -1.07
N ILE D 62 -20.77 25.26 -0.93
CA ILE D 62 -21.83 25.03 -1.90
C ILE D 62 -22.93 26.05 -1.67
N THR D 63 -23.31 26.76 -2.73
CA THR D 63 -24.29 27.83 -2.65
C THR D 63 -25.64 27.36 -3.16
N LYS D 64 -26.67 28.16 -2.86
CA LYS D 64 -28.01 27.89 -3.37
C LYS D 64 -28.02 27.86 -4.89
N LYS D 65 -27.35 28.83 -5.52
CA LYS D 65 -27.23 28.82 -6.97
C LYS D 65 -26.46 27.60 -7.45
N ASN D 66 -25.49 27.11 -6.67
CA ASN D 66 -24.79 25.89 -7.03
C ASN D 66 -25.75 24.71 -7.11
N ILE D 67 -26.62 24.57 -6.11
CA ILE D 67 -27.63 23.52 -6.14
C ILE D 67 -28.59 23.73 -7.31
N GLU D 68 -28.84 24.98 -7.69
CA GLU D 68 -29.74 25.24 -8.80
C GLU D 68 -29.13 24.80 -10.13
N GLU D 69 -27.87 25.16 -10.38
CA GLU D 69 -27.28 24.89 -11.70
C GLU D 69 -26.69 23.50 -11.83
N TRP D 70 -26.08 22.97 -10.75
CA TRP D 70 -25.63 21.59 -10.79
C TRP D 70 -26.79 20.62 -10.88
N GLY D 71 -27.95 20.99 -10.35
CA GLY D 71 -29.11 20.15 -10.37
C GLY D 71 -29.78 20.11 -11.74
N PRO D 72 -30.99 19.53 -11.80
CA PRO D 72 -31.72 18.98 -10.66
C PRO D 72 -31.16 17.65 -10.19
N PHE D 73 -31.46 17.26 -8.95
CA PHE D 73 -30.94 16.05 -8.35
C PHE D 73 -32.08 15.09 -8.08
N ASP D 74 -31.87 13.81 -8.42
CA ASP D 74 -32.83 12.77 -8.12
C ASP D 74 -32.56 12.10 -6.78
N LEU D 75 -31.29 12.05 -6.37
CA LEU D 75 -30.89 11.42 -5.12
C LEU D 75 -29.95 12.34 -4.37
N VAL D 76 -30.14 12.43 -3.05
CA VAL D 76 -29.29 13.25 -2.19
C VAL D 76 -28.87 12.38 -1.00
N ILE D 77 -27.62 11.95 -1.00
CA ILE D 77 -27.12 11.08 0.07
C ILE D 77 -26.06 11.83 0.86
N GLY D 78 -25.92 11.46 2.12
CA GLY D 78 -24.96 12.09 3.00
C GLY D 78 -24.45 11.23 4.15
N GLY D 79 -23.18 11.43 4.51
CA GLY D 79 -22.61 10.66 5.59
C GLY D 79 -21.70 11.46 6.50
N SER D 80 -22.28 12.12 7.50
CA SER D 80 -21.53 13.10 8.27
C SER D 80 -20.39 12.44 9.06
N PRO D 81 -19.33 13.19 9.35
CA PRO D 81 -18.25 12.66 10.19
C PRO D 81 -18.75 12.33 11.58
N CYS D 82 -18.20 11.26 12.15
CA CYS D 82 -18.68 10.74 13.43
C CYS D 82 -17.62 10.78 14.52
N ASN D 83 -16.59 11.62 14.35
CA ASN D 83 -15.55 11.73 15.38
C ASN D 83 -15.97 12.63 16.55
N ASP D 84 -17.12 13.29 16.46
CA ASP D 84 -17.64 14.12 17.53
C ASP D 84 -19.04 13.72 17.97
N LEU D 85 -19.68 12.76 17.31
CA LEU D 85 -20.98 12.27 17.74
C LEU D 85 -20.85 10.89 18.37
N PRO D 90 -13.41 10.86 23.77
CA PRO D 90 -13.82 11.48 25.03
C PRO D 90 -13.98 13.00 24.91
N ALA D 91 -13.15 13.63 24.07
CA ALA D 91 -13.27 15.06 23.79
C ALA D 91 -14.39 15.38 22.82
N ARG D 92 -15.49 14.64 22.89
CA ARG D 92 -16.60 14.82 21.96
C ARG D 92 -17.24 16.19 22.16
N LYS D 93 -17.54 16.86 21.05
CA LYS D 93 -18.19 18.16 21.08
C LYS D 93 -19.65 18.08 20.65
N GLY D 94 -20.21 16.87 20.54
CA GLY D 94 -21.62 16.71 20.28
C GLY D 94 -22.01 17.07 18.85
N LEU D 95 -23.32 17.31 18.68
CA LEU D 95 -23.87 17.63 17.38
C LEU D 95 -23.64 19.08 16.98
N TYR D 96 -23.46 19.97 17.95
CA TYR D 96 -23.52 21.40 17.69
C TYR D 96 -22.16 22.08 17.63
N GLU D 97 -21.10 21.42 18.10
CA GLU D 97 -19.75 21.97 18.01
C GLU D 97 -18.81 20.96 17.38
N GLY D 98 -17.68 21.44 16.90
CA GLY D 98 -16.74 20.57 16.22
C GLY D 98 -17.18 20.31 14.80
N THR D 99 -17.14 19.05 14.39
CA THR D 99 -17.55 18.65 13.04
C THR D 99 -18.91 17.98 13.00
N GLY D 100 -19.59 17.86 14.14
CA GLY D 100 -20.96 17.38 14.12
C GLY D 100 -21.91 18.38 13.51
N ARG D 101 -21.65 19.68 13.73
CA ARG D 101 -22.47 20.74 13.15
C ARG D 101 -22.47 20.72 11.63
N LEU D 102 -21.63 19.89 10.99
CA LEU D 102 -21.69 19.73 9.56
C LEU D 102 -23.01 19.10 9.12
N PHE D 103 -23.64 18.31 10.00
CA PHE D 103 -24.88 17.64 9.66
C PHE D 103 -25.92 18.62 9.11
N PHE D 104 -26.10 19.76 9.80
CA PHE D 104 -27.08 20.74 9.37
C PHE D 104 -26.84 21.15 7.92
N GLU D 105 -25.57 21.30 7.53
CA GLU D 105 -25.24 21.62 6.15
C GLU D 105 -25.96 20.67 5.19
N PHE D 106 -25.79 19.36 5.41
CA PHE D 106 -26.56 18.37 4.69
C PHE D 106 -28.04 18.75 4.67
N TYR D 107 -28.65 18.83 5.86
CA TYR D 107 -30.03 19.28 5.99
C TYR D 107 -30.28 20.50 5.11
N HIS D 108 -29.45 21.54 5.28
CA HIS D 108 -29.56 22.74 4.47
C HIS D 108 -29.65 22.38 2.99
N LEU D 109 -28.59 21.76 2.46
CA LEU D 109 -28.57 21.46 1.03
C LEU D 109 -29.71 20.54 0.64
N LEU D 110 -30.14 19.65 1.55
CA LEU D 110 -31.25 18.79 1.23
C LEU D 110 -32.49 19.61 0.89
N ASN D 111 -32.81 20.59 1.73
CA ASN D 111 -33.95 21.46 1.45
C ASN D 111 -33.74 22.27 0.19
N TYR D 112 -32.49 22.50 -0.23
CA TYR D 112 -32.26 23.21 -1.48
C TYR D 112 -32.49 22.31 -2.68
N SER D 113 -32.35 20.99 -2.52
CA SER D 113 -32.49 20.07 -3.64
C SER D 113 -33.89 19.47 -3.76
N ARG D 114 -34.74 19.66 -2.75
CA ARG D 114 -36.09 19.13 -2.81
C ARG D 114 -36.88 19.83 -3.93
N PRO D 115 -37.67 19.09 -4.70
CA PRO D 115 -38.58 19.74 -5.64
C PRO D 115 -39.69 20.48 -4.91
N LYS D 116 -40.35 21.37 -5.64
CA LYS D 116 -41.38 22.22 -5.06
C LYS D 116 -42.64 21.40 -4.76
N GLU D 117 -43.67 22.09 -4.28
CA GLU D 117 -44.94 21.44 -4.00
C GLU D 117 -45.60 20.95 -5.29
N GLY D 118 -45.56 21.76 -6.34
CA GLY D 118 -46.15 21.36 -7.61
C GLY D 118 -45.37 20.30 -8.35
N ASP D 119 -44.09 20.12 -8.01
CA ASP D 119 -43.24 19.13 -8.65
C ASP D 119 -43.40 17.79 -7.95
N ASP D 120 -43.92 16.80 -8.67
CA ASP D 120 -44.12 15.46 -8.14
C ASP D 120 -43.12 14.45 -8.70
N ARG D 121 -42.00 14.94 -9.25
CA ARG D 121 -40.98 14.06 -9.78
C ARG D 121 -40.37 13.23 -8.66
N PRO D 122 -39.81 12.06 -8.99
CA PRO D 122 -39.21 11.22 -7.95
C PRO D 122 -37.97 11.88 -7.37
N PHE D 123 -37.87 11.87 -6.04
CA PHE D 123 -36.73 12.47 -5.35
C PHE D 123 -36.49 11.67 -4.07
N PHE D 124 -35.29 11.12 -3.93
CA PHE D 124 -34.93 10.30 -2.79
C PHE D 124 -33.71 10.86 -2.08
N TRP D 125 -33.62 10.59 -0.78
CA TRP D 125 -32.54 11.13 0.03
C TRP D 125 -32.24 10.13 1.15
N MET D 126 -31.02 10.23 1.67
CA MET D 126 -30.59 9.34 2.74
C MET D 126 -29.44 9.99 3.50
N PHE D 127 -29.45 9.80 4.82
CA PHE D 127 -28.39 10.29 5.70
C PHE D 127 -27.98 9.19 6.65
N GLU D 128 -26.68 9.00 6.81
CA GLU D 128 -26.13 7.94 7.65
C GLU D 128 -25.38 8.54 8.84
N ASN D 129 -25.53 7.90 10.00
CA ASN D 129 -24.74 8.27 11.18
C ASN D 129 -24.53 7.03 12.04
N VAL D 130 -23.75 7.19 13.10
CA VAL D 130 -23.41 6.08 13.98
C VAL D 130 -24.44 5.96 15.09
N VAL D 131 -24.61 4.73 15.59
CA VAL D 131 -25.57 4.49 16.66
C VAL D 131 -25.07 5.07 17.97
N ALA D 132 -23.80 4.84 18.30
CA ALA D 132 -23.18 5.43 19.47
C ALA D 132 -23.27 6.95 19.40
N MET D 133 -24.28 7.51 20.05
CA MET D 133 -24.61 8.92 19.88
C MET D 133 -25.59 9.33 20.96
N LYS D 134 -25.45 10.57 21.44
CA LYS D 134 -26.37 11.09 22.45
C LYS D 134 -27.81 11.00 21.95
N VAL D 135 -28.70 10.55 22.83
CA VAL D 135 -30.10 10.40 22.44
C VAL D 135 -30.72 11.75 22.09
N GLY D 136 -30.24 12.83 22.71
CA GLY D 136 -30.68 14.16 22.33
C GLY D 136 -30.24 14.52 20.92
N ASP D 137 -29.03 14.11 20.53
CA ASP D 137 -28.56 14.35 19.18
C ASP D 137 -29.38 13.57 18.16
N LYS D 138 -29.68 12.30 18.46
CA LYS D 138 -30.56 11.52 17.60
C LYS D 138 -31.94 12.17 17.51
N ARG D 139 -32.44 12.70 18.62
CA ARG D 139 -33.72 13.40 18.63
C ARG D 139 -33.68 14.61 17.68
N ASP D 140 -32.65 15.43 17.80
CA ASP D 140 -32.56 16.63 16.96
C ASP D 140 -32.38 16.27 15.49
N ILE D 141 -31.65 15.21 15.19
CA ILE D 141 -31.48 14.79 13.80
C ILE D 141 -32.82 14.34 13.23
N SER D 142 -33.56 13.52 14.00
CA SER D 142 -34.90 13.12 13.57
C SER D 142 -35.82 14.32 13.43
N ARG D 143 -35.63 15.35 14.26
CA ARG D 143 -36.43 16.57 14.14
C ARG D 143 -36.15 17.28 12.82
N PHE D 144 -34.86 17.53 12.54
CA PHE D 144 -34.51 18.30 11.35
C PHE D 144 -34.81 17.53 10.07
N LEU D 145 -34.74 16.20 10.10
CA LEU D 145 -35.07 15.39 8.93
C LEU D 145 -36.54 14.98 8.91
N GLU D 146 -37.31 15.31 9.96
CA GLU D 146 -38.74 15.06 10.01
C GLU D 146 -39.08 13.58 9.81
N CYS D 147 -38.23 12.70 10.31
CA CYS D 147 -38.45 11.26 10.20
C CYS D 147 -37.52 10.56 11.19
N ASN D 148 -37.77 9.27 11.38
CA ASN D 148 -36.98 8.45 12.29
C ASN D 148 -36.07 7.49 11.53
N PRO D 149 -34.95 7.08 12.12
CA PRO D 149 -33.99 6.26 11.38
C PRO D 149 -34.26 4.77 11.51
N VAL D 150 -33.80 4.04 10.50
CA VAL D 150 -33.68 2.60 10.57
C VAL D 150 -32.29 2.27 11.11
N MET D 151 -32.18 1.18 11.85
CA MET D 151 -30.89 0.71 12.35
C MET D 151 -30.51 -0.54 11.59
N ILE D 152 -29.39 -0.49 10.87
CA ILE D 152 -28.92 -1.63 10.08
C ILE D 152 -27.49 -1.96 10.50
N ASP D 153 -27.26 -3.24 10.79
CA ASP D 153 -25.94 -3.75 11.11
C ASP D 153 -25.41 -4.53 9.92
N ALA D 154 -24.17 -4.24 9.53
CA ALA D 154 -23.56 -4.93 8.39
C ALA D 154 -23.29 -6.40 8.65
N ILE D 155 -23.43 -6.86 9.89
CA ILE D 155 -23.09 -8.24 10.23
C ILE D 155 -23.99 -9.25 9.52
N LYS D 156 -25.19 -8.85 9.10
CA LYS D 156 -26.08 -9.78 8.42
C LYS D 156 -25.68 -10.01 6.96
N VAL D 157 -24.74 -9.23 6.42
CA VAL D 157 -24.37 -9.34 5.02
C VAL D 157 -22.86 -9.27 4.86
N SER D 158 -22.15 -8.99 5.95
CA SER D 158 -20.69 -8.89 5.91
C SER D 158 -20.13 -9.63 7.11
N ALA D 159 -18.79 -9.66 7.21
CA ALA D 159 -18.10 -10.37 8.26
C ALA D 159 -17.67 -9.45 9.41
N ALA D 160 -18.40 -8.36 9.64
CA ALA D 160 -18.01 -7.40 10.65
C ALA D 160 -19.24 -6.76 11.27
N HIS D 161 -19.07 -6.30 12.51
CA HIS D 161 -20.10 -5.52 13.18
C HIS D 161 -20.04 -4.07 12.69
N ARG D 162 -21.18 -3.54 12.27
CA ARG D 162 -21.24 -2.12 11.88
C ARG D 162 -22.72 -1.69 11.92
N ALA D 163 -23.17 -1.30 13.11
CA ALA D 163 -24.54 -0.85 13.31
C ALA D 163 -24.62 0.66 13.08
N ARG D 164 -25.41 1.06 12.09
CA ARG D 164 -25.53 2.46 11.71
C ARG D 164 -27.00 2.84 11.57
N TYR D 165 -27.28 4.12 11.84
CA TYR D 165 -28.59 4.71 11.66
C TYR D 165 -28.69 5.32 10.27
N PHE D 166 -29.83 5.09 9.61
CA PHE D 166 -30.11 5.60 8.28
C PHE D 166 -31.46 6.29 8.29
N TRP D 167 -31.45 7.61 8.13
CA TRP D 167 -32.67 8.36 7.85
C TRP D 167 -32.86 8.47 6.34
N GLY D 168 -34.09 8.59 5.91
CA GLY D 168 -34.36 8.81 4.50
C GLY D 168 -35.76 8.40 4.11
N ASN D 169 -36.03 8.56 2.81
CA ASN D 169 -37.32 8.24 2.22
C ASN D 169 -37.19 7.18 1.12
N LEU D 170 -36.14 6.38 1.14
CA LEU D 170 -35.98 5.34 0.15
C LEU D 170 -37.05 4.26 0.35
N PRO D 171 -37.47 3.60 -0.73
CA PRO D 171 -38.49 2.54 -0.59
C PRO D 171 -37.96 1.36 0.20
N GLY D 172 -38.72 0.94 1.21
CA GLY D 172 -38.42 -0.26 1.95
C GLY D 172 -37.17 -0.21 2.81
N MET D 173 -36.89 0.94 3.43
CA MET D 173 -35.74 1.03 4.32
C MET D 173 -35.89 0.15 5.56
N ASN D 174 -37.12 -0.19 5.94
CA ASN D 174 -37.38 -1.01 7.10
C ASN D 174 -37.58 -2.48 6.76
N ARG D 175 -37.55 -2.83 5.48
CA ARG D 175 -37.70 -4.22 5.08
C ARG D 175 -36.53 -5.05 5.61
N PRO D 176 -36.71 -6.36 5.81
CA PRO D 176 -35.66 -7.15 6.43
C PRO D 176 -34.46 -7.30 5.51
N VAL D 177 -33.28 -7.36 6.13
CA VAL D 177 -32.02 -7.48 5.42
C VAL D 177 -31.68 -8.97 5.28
N ILE D 178 -31.62 -9.45 4.05
CA ILE D 178 -31.25 -10.84 3.76
C ILE D 178 -29.94 -10.83 2.98
N ALA D 179 -29.10 -11.82 3.25
CA ALA D 179 -27.79 -11.89 2.62
C ALA D 179 -27.90 -12.42 1.19
N SER D 180 -26.95 -12.03 0.37
CA SER D 180 -26.87 -12.48 -1.02
C SER D 180 -25.95 -13.69 -1.14
N LYS D 181 -25.94 -14.27 -2.33
CA LYS D 181 -25.12 -15.46 -2.56
C LYS D 181 -23.63 -15.13 -2.56
N ASN D 182 -23.27 -13.89 -2.88
CA ASN D 182 -21.88 -13.48 -3.00
C ASN D 182 -21.34 -12.78 -1.75
N ASP D 183 -22.18 -12.58 -0.74
CA ASP D 183 -21.76 -11.87 0.47
C ASP D 183 -20.79 -12.73 1.27
N LYS D 184 -19.54 -12.30 1.36
CA LYS D 184 -18.56 -12.98 2.19
C LYS D 184 -18.93 -12.74 3.65
N LEU D 185 -19.60 -13.73 4.24
CA LEU D 185 -20.23 -13.57 5.55
C LEU D 185 -19.29 -13.81 6.72
N GLU D 186 -18.18 -14.52 6.51
CA GLU D 186 -17.26 -14.86 7.59
C GLU D 186 -15.86 -14.34 7.28
N LEU D 187 -15.12 -14.05 8.35
CA LEU D 187 -13.78 -13.46 8.20
C LEU D 187 -12.89 -14.32 7.32
N GLN D 188 -13.01 -15.65 7.44
CA GLN D 188 -12.18 -16.54 6.63
C GLN D 188 -12.42 -16.33 5.14
N ASP D 189 -13.64 -15.97 4.75
CA ASP D 189 -13.94 -15.71 3.36
C ASP D 189 -13.25 -14.45 2.84
N CYS D 190 -12.78 -13.59 3.74
CA CYS D 190 -12.19 -12.31 3.36
C CYS D 190 -10.67 -12.30 3.45
N LEU D 191 -10.06 -13.42 3.80
CA LEU D 191 -8.63 -13.48 4.05
C LEU D 191 -7.88 -13.94 2.81
N GLU D 192 -6.62 -13.53 2.72
CA GLU D 192 -5.75 -13.98 1.64
C GLU D 192 -5.31 -15.42 1.89
N TYR D 193 -4.66 -16.01 0.89
CA TYR D 193 -4.18 -17.37 0.99
C TYR D 193 -3.17 -17.51 2.13
N ASN D 194 -3.14 -18.70 2.73
CA ASN D 194 -2.23 -19.06 3.81
C ASN D 194 -2.47 -18.27 5.08
N ARG D 195 -3.68 -17.76 5.29
CA ARG D 195 -4.03 -17.01 6.48
C ARG D 195 -5.33 -17.55 7.06
N ILE D 196 -5.38 -17.68 8.38
CA ILE D 196 -6.48 -18.33 9.08
C ILE D 196 -7.15 -17.31 9.99
N ALA D 197 -8.48 -17.27 9.97
CA ALA D 197 -9.25 -16.36 10.78
C ALA D 197 -9.51 -16.97 12.15
N LYS D 198 -9.12 -16.27 13.21
CA LYS D 198 -9.40 -16.76 14.56
C LYS D 198 -10.89 -16.78 14.85
N LEU D 199 -11.62 -15.80 14.34
CA LEU D 199 -13.05 -15.66 14.61
C LEU D 199 -13.82 -15.69 13.29
N LYS D 200 -15.15 -15.69 13.42
CA LYS D 200 -16.04 -15.65 12.27
C LYS D 200 -16.50 -14.24 11.93
N LYS D 201 -16.59 -13.35 12.93
CA LYS D 201 -16.91 -11.95 12.73
C LYS D 201 -15.93 -11.11 13.52
N VAL D 202 -15.73 -9.88 13.08
CA VAL D 202 -14.80 -8.96 13.73
C VAL D 202 -15.57 -7.78 14.30
N GLN D 203 -15.04 -7.22 15.38
CA GLN D 203 -15.66 -6.07 16.03
C GLN D 203 -15.63 -4.86 15.11
N THR D 204 -16.35 -3.82 15.51
CA THR D 204 -16.50 -2.63 14.69
C THR D 204 -15.14 -2.01 14.41
N ILE D 205 -14.81 -1.87 13.13
CA ILE D 205 -13.51 -1.36 12.70
C ILE D 205 -13.63 0.14 12.51
N THR D 206 -12.94 0.91 13.36
CA THR D 206 -12.90 2.36 13.24
C THR D 206 -11.61 2.76 12.53
N THR D 207 -11.27 4.05 12.60
CA THR D 207 -10.08 4.55 11.90
C THR D 207 -8.80 4.16 12.64
N LYS D 208 -8.82 4.15 13.97
CA LYS D 208 -7.65 3.80 14.75
C LYS D 208 -7.25 2.34 14.51
N SER D 209 -5.99 2.03 14.77
CA SER D 209 -5.46 0.69 14.59
C SER D 209 -5.69 -0.20 15.80
N ASN D 210 -6.48 0.24 16.77
CA ASN D 210 -6.80 -0.56 17.95
C ASN D 210 -8.11 -1.31 17.82
N SER D 211 -8.76 -1.26 16.66
CA SER D 211 -10.02 -1.94 16.43
C SER D 211 -9.88 -3.18 15.56
N ILE D 212 -8.65 -3.56 15.20
CA ILE D 212 -8.42 -4.77 14.43
C ILE D 212 -8.31 -5.95 15.39
N LYS D 213 -7.31 -5.90 16.27
CA LYS D 213 -7.14 -6.95 17.26
C LYS D 213 -8.39 -7.09 18.12
N GLN D 214 -8.90 -8.31 18.22
CA GLN D 214 -10.18 -8.55 18.87
C GLN D 214 -10.00 -8.87 20.36
N GLN D 218 -7.47 -7.59 23.23
CA GLN D 218 -7.09 -7.25 21.86
C GLN D 218 -6.22 -8.32 21.24
N LEU D 219 -6.84 -9.41 20.79
CA LEU D 219 -6.14 -10.54 20.21
C LEU D 219 -6.15 -10.41 18.69
N PHE D 220 -4.97 -10.52 18.08
CA PHE D 220 -4.80 -10.34 16.65
C PHE D 220 -5.77 -11.25 15.88
N PRO D 221 -6.45 -10.74 14.85
CA PRO D 221 -7.52 -11.55 14.23
C PRO D 221 -7.01 -12.71 13.39
N VAL D 222 -5.78 -12.63 12.86
CA VAL D 222 -5.33 -13.60 11.87
C VAL D 222 -4.16 -14.39 12.41
N VAL D 223 -4.01 -15.62 11.93
CA VAL D 223 -2.82 -16.44 12.15
C VAL D 223 -2.24 -16.78 10.78
N MET D 224 -0.96 -16.50 10.60
CA MET D 224 -0.25 -16.82 9.38
C MET D 224 1.08 -17.48 9.74
N ASN D 225 1.31 -18.67 9.19
CA ASN D 225 2.53 -19.44 9.47
C ASN D 225 2.70 -19.67 10.97
N GLY D 226 1.58 -19.80 11.69
CA GLY D 226 1.61 -20.02 13.12
C GLY D 226 1.84 -18.78 13.96
N LYS D 227 1.98 -17.61 13.35
CA LYS D 227 2.22 -16.36 14.07
C LYS D 227 1.00 -15.47 13.97
N GLU D 228 0.74 -14.72 15.04
CA GLU D 228 -0.40 -13.81 15.04
C GLU D 228 -0.12 -12.61 14.15
N ASP D 229 -1.18 -12.10 13.52
CA ASP D 229 -1.04 -11.01 12.56
C ASP D 229 -2.37 -10.28 12.44
N VAL D 230 -2.27 -8.98 12.12
CA VAL D 230 -3.42 -8.11 11.91
C VAL D 230 -3.99 -8.31 10.52
N LEU D 231 -5.09 -7.64 10.22
CA LEU D 231 -5.73 -7.73 8.92
C LEU D 231 -4.95 -6.92 7.89
N TRP D 232 -5.19 -7.23 6.61
CA TRP D 232 -4.54 -6.57 5.50
C TRP D 232 -5.52 -5.64 4.79
N CYS D 233 -4.98 -4.80 3.91
CA CYS D 233 -5.80 -3.81 3.21
C CYS D 233 -6.85 -4.49 2.35
N THR D 234 -6.44 -5.46 1.53
CA THR D 234 -7.40 -6.19 0.72
C THR D 234 -8.38 -6.97 1.59
N GLU D 235 -7.93 -7.42 2.75
CA GLU D 235 -8.83 -8.13 3.65
C GLU D 235 -9.90 -7.20 4.20
N LEU D 236 -9.52 -5.99 4.63
CA LEU D 236 -10.51 -5.01 5.06
C LEU D 236 -11.44 -4.64 3.92
N GLU D 237 -10.90 -4.53 2.71
CA GLU D 237 -11.73 -4.23 1.54
C GLU D 237 -12.79 -5.31 1.34
N ARG D 238 -12.40 -6.58 1.47
CA ARG D 238 -13.38 -7.65 1.36
C ARG D 238 -14.37 -7.62 2.51
N ILE D 239 -13.90 -7.24 3.71
CA ILE D 239 -14.79 -7.17 4.87
C ILE D 239 -15.88 -6.13 4.65
N PHE D 240 -15.51 -4.97 4.11
CA PHE D 240 -16.48 -3.90 3.91
C PHE D 240 -17.26 -4.04 2.61
N GLY D 241 -16.93 -5.02 1.76
CA GLY D 241 -17.65 -5.24 0.54
C GLY D 241 -17.11 -4.53 -0.68
N PHE D 242 -16.03 -3.77 -0.54
CA PHE D 242 -15.41 -3.09 -1.67
C PHE D 242 -14.64 -4.08 -2.53
N PRO D 243 -14.44 -3.76 -3.80
CA PRO D 243 -13.56 -4.60 -4.63
C PRO D 243 -12.14 -4.57 -4.10
N VAL D 244 -11.41 -5.67 -4.30
CA VAL D 244 -10.02 -5.73 -3.85
C VAL D 244 -9.21 -4.66 -4.58
N HIS D 245 -8.29 -4.04 -3.85
CA HIS D 245 -7.42 -2.97 -4.34
C HIS D 245 -8.19 -1.69 -4.65
N TYR D 246 -9.40 -1.53 -4.10
CA TYR D 246 -10.17 -0.31 -4.29
C TYR D 246 -9.45 0.91 -3.74
N THR D 247 -8.69 0.73 -2.65
CA THR D 247 -7.94 1.82 -2.04
C THR D 247 -6.45 1.74 -2.34
N ASP D 248 -6.05 0.95 -3.32
CA ASP D 248 -4.65 0.88 -3.75
C ASP D 248 -4.35 2.10 -4.63
N VAL D 249 -4.35 3.26 -3.99
CA VAL D 249 -4.25 4.55 -4.67
C VAL D 249 -3.33 5.46 -3.87
N SER D 250 -2.54 6.28 -4.59
CA SER D 250 -1.82 7.40 -4.01
C SER D 250 -0.73 6.97 -3.02
N ASN D 251 -0.08 5.82 -3.30
CA ASN D 251 1.02 5.31 -2.48
C ASN D 251 0.60 5.12 -1.03
N MET D 252 -0.69 4.87 -0.78
CA MET D 252 -1.18 4.76 0.58
C MET D 252 -0.75 3.43 1.19
N GLY D 253 -0.27 3.48 2.42
CA GLY D 253 0.07 2.29 3.17
C GLY D 253 -1.14 1.68 3.83
N GLY D 254 -0.87 0.74 4.73
CA GLY D 254 -1.95 0.10 5.47
C GLY D 254 -2.70 1.08 6.35
N GLY D 255 -1.98 2.04 6.94
CA GLY D 255 -2.62 2.98 7.86
C GLY D 255 -3.62 3.88 7.16
N ALA D 256 -3.23 4.47 6.03
CA ALA D 256 -4.13 5.40 5.33
C ALA D 256 -5.33 4.67 4.76
N ARG D 257 -5.11 3.51 4.15
CA ARG D 257 -6.23 2.76 3.60
C ARG D 257 -7.17 2.27 4.70
N GLN D 258 -6.60 1.88 5.86
CA GLN D 258 -7.46 1.52 6.99
C GLN D 258 -8.25 2.71 7.49
N LYS D 259 -7.62 3.89 7.52
CA LYS D 259 -8.36 5.10 7.91
C LYS D 259 -9.52 5.35 6.96
N LEU D 260 -9.30 5.19 5.65
CA LEU D 260 -10.38 5.42 4.69
C LEU D 260 -11.48 4.38 4.83
N LEU D 261 -11.12 3.11 4.98
CA LEU D 261 -12.13 2.05 5.04
C LEU D 261 -12.86 1.98 6.37
N GLY D 262 -12.25 2.48 7.45
CA GLY D 262 -12.88 2.39 8.76
C GLY D 262 -14.05 3.34 8.95
N ARG D 263 -14.14 4.39 8.13
CA ARG D 263 -15.29 5.27 8.15
C ARG D 263 -16.16 5.11 6.91
N SER D 264 -15.80 4.22 6.00
CA SER D 264 -16.59 4.02 4.80
C SER D 264 -17.91 3.35 5.14
N TRP D 265 -18.77 3.25 4.13
CA TRP D 265 -20.02 2.52 4.26
C TRP D 265 -19.79 1.06 3.94
N SER D 266 -20.65 0.20 4.50
CA SER D 266 -20.66 -1.21 4.14
C SER D 266 -21.39 -1.34 2.81
N VAL D 267 -20.65 -1.72 1.77
CA VAL D 267 -21.18 -1.80 0.41
C VAL D 267 -22.44 -2.64 0.32
N PRO D 268 -22.54 -3.82 0.96
CA PRO D 268 -23.81 -4.57 0.88
C PRO D 268 -24.98 -3.85 1.54
N VAL D 269 -24.74 -3.09 2.61
CA VAL D 269 -25.82 -2.33 3.25
C VAL D 269 -26.36 -1.26 2.30
N ILE D 270 -25.44 -0.50 1.68
CA ILE D 270 -25.86 0.53 0.75
C ILE D 270 -26.52 -0.10 -0.48
N ARG D 271 -26.08 -1.30 -0.87
CA ARG D 271 -26.76 -2.00 -1.95
C ARG D 271 -28.19 -2.35 -1.56
N HIS D 272 -28.38 -2.86 -0.35
CA HIS D 272 -29.72 -3.15 0.14
C HIS D 272 -30.60 -1.90 0.12
N LEU D 273 -30.02 -0.76 0.52
CA LEU D 273 -30.82 0.46 0.59
C LEU D 273 -31.12 1.03 -0.80
N PHE D 274 -30.19 0.90 -1.74
CA PHE D 274 -30.35 1.49 -3.05
C PHE D 274 -31.02 0.57 -4.07
N ALA D 275 -31.20 -0.71 -3.73
CA ALA D 275 -31.80 -1.65 -4.69
C ALA D 275 -33.18 -1.22 -5.20
N PRO D 276 -34.10 -0.69 -4.38
CA PRO D 276 -35.39 -0.27 -4.95
C PRO D 276 -35.28 0.83 -5.99
N LEU D 277 -34.15 1.54 -6.07
CA LEU D 277 -34.01 2.63 -7.03
C LEU D 277 -33.97 2.14 -8.47
N LYS D 278 -33.79 0.84 -8.71
CA LYS D 278 -33.75 0.33 -10.07
C LYS D 278 -35.10 0.43 -10.78
N ASP D 279 -36.18 0.61 -10.04
CA ASP D 279 -37.52 0.75 -10.60
C ASP D 279 -37.92 2.20 -10.82
N TYR D 280 -36.97 3.14 -10.77
CA TYR D 280 -37.25 4.54 -10.97
C TYR D 280 -36.32 5.23 -11.96
N PHE D 281 -35.20 4.62 -12.33
CA PHE D 281 -34.22 5.25 -13.20
C PHE D 281 -33.69 4.23 -14.20
N ALA D 282 -33.05 4.75 -15.24
CA ALA D 282 -32.57 3.91 -16.34
C ALA D 282 -31.49 2.96 -15.84
N CYS D 283 -31.57 1.72 -16.28
CA CYS D 283 -30.61 0.68 -15.95
C CYS D 283 -29.94 0.17 -17.22
N GLU D 284 -29.01 -0.77 -17.05
CA GLU D 284 -28.27 -1.30 -18.18
C GLU D 284 -28.47 -2.81 -18.30
N SAH E . 15.66 -11.68 -8.95
CA SAH E . 14.55 -11.36 -8.07
CB SAH E . 15.04 -10.57 -6.86
CG SAH E . 16.42 -9.96 -6.99
SD SAH E . 16.84 -8.92 -5.56
C SAH E . 13.45 -10.59 -8.80
O SAH E . 13.55 -10.32 -9.99
OXT SAH E . 12.43 -10.23 -8.20
C5' SAH E . 17.72 -10.29 -4.79
C4' SAH E . 16.90 -10.95 -3.67
O4' SAH E . 17.63 -12.00 -3.07
C3' SAH E . 16.56 -9.95 -2.57
O3' SAH E . 15.18 -9.64 -2.62
C2' SAH E . 16.88 -10.68 -1.27
O2' SAH E . 15.74 -10.74 -0.45
C1' SAH E . 17.29 -12.08 -1.69
N9 SAH E . 18.43 -12.54 -0.89
C8 SAH E . 19.46 -11.77 -0.41
N7 SAH E . 20.31 -12.56 0.28
C5 SAH E . 19.85 -13.82 0.26
C6 SAH E . 20.33 -15.00 0.81
N6 SAH E . 21.45 -15.01 1.52
N1 SAH E . 19.62 -16.18 0.62
C2 SAH E . 18.45 -16.17 -0.10
N3 SAH E . 17.98 -14.99 -0.65
C4 SAH E . 18.67 -13.83 -0.48
N SAH F . -19.93 8.05 3.79
CA SAH F . -18.62 7.97 3.15
CB SAH F . -17.54 8.60 4.03
CG SAH F . -17.97 8.84 5.48
SD SAH F . -16.59 9.44 6.49
C SAH F . -18.25 6.53 2.79
O SAH F . -17.15 6.26 2.30
OXT SAH F . -19.04 5.61 2.99
C5' SAH F . -17.10 11.16 6.24
C4' SAH F . -16.24 11.84 5.19
O4' SAH F . -16.63 13.20 5.03
C3' SAH F . -14.77 11.87 5.57
O3' SAH F . -14.06 10.95 4.77
C2' SAH F . -14.30 13.28 5.30
O2' SAH F . -13.24 13.26 4.38
C1' SAH F . -15.50 13.98 4.69
N9 SAH F . -15.62 15.35 5.23
C8 SAH F . -15.30 15.76 6.49
N7 SAH F . -15.54 17.08 6.60
C5 SAH F . -16.01 17.53 5.41
C6 SAH F . -16.40 18.79 4.98
N6 SAH F . -16.36 19.84 5.80
N1 SAH F . -16.84 18.96 3.68
C2 SAH F . -16.89 17.87 2.82
N3 SAH F . -16.50 16.63 3.26
C4 SAH F . -16.06 16.46 4.53
#